data_4ORV
#
_entry.id   4ORV
#
_cell.length_a   89.535
_cell.length_b   101.560
_cell.length_c   163.457
_cell.angle_alpha   90.00
_cell.angle_beta   90.00
_cell.angle_gamma   90.00
#
_symmetry.space_group_name_H-M   'I 2 2 2'
#
loop_
_entity.id
_entity.type
_entity.pdbx_description
1 polymer 'Peptidoglycan recognition protein 1'
2 non-polymer '7-phenylheptanoic acid'
3 non-polymer 'L(+)-TARTARIC ACID'
4 non-polymer 2-acetamido-2-deoxy-beta-D-glucopyranose
5 non-polymer GLYCEROL
6 water water
#
_entity_poly.entity_id   1
_entity_poly.type   'polypeptide(L)'
_entity_poly.pdbx_seq_one_letter_code
;EDPPACGSIVPRREWRALASECRERLTRPVRYVVVSHTAGSHCDTPASCAQQAQNVQSYHVRNLGWCDVGYNFLIGEDGL
VYEGRGWNIKGAHAGPTWNPISIGISFMGNYMNRVPPPRALRAAQNLLACGVALGALRSNYEVKGHRDVQPTLSPGDRLY
EIIQTWSHYRA
;
_entity_poly.pdbx_strand_id   A,B,C,D
#
# COMPACT_ATOMS: atom_id res chain seq x y z
N GLU A 1 -12.23 3.42 -18.08
CA GLU A 1 -11.10 2.63 -17.51
C GLU A 1 -11.62 1.35 -16.87
N ASP A 2 -12.36 1.54 -15.78
CA ASP A 2 -12.88 0.43 -14.96
C ASP A 2 -14.28 0.76 -14.43
N PRO A 3 -15.33 0.14 -15.01
CA PRO A 3 -16.72 0.36 -14.60
C PRO A 3 -17.04 0.45 -13.07
N PRO A 4 -16.67 -0.58 -12.27
CA PRO A 4 -16.94 -0.57 -10.82
C PRO A 4 -16.56 0.71 -10.04
N ALA A 5 -17.50 1.65 -9.88
CA ALA A 5 -17.24 2.90 -9.13
C ALA A 5 -16.91 2.59 -7.67
N CYS A 6 -16.35 3.26 -6.85
CA CYS A 6 -15.93 2.93 -5.49
C CYS A 6 -16.33 3.83 -4.30
N GLY A 7 -16.58 3.14 -3.19
CA GLY A 7 -16.96 3.77 -1.93
C GLY A 7 -18.16 4.68 -1.90
N SER A 8 -18.56 5.04 -0.69
CA SER A 8 -19.68 5.93 -0.51
C SER A 8 -19.12 7.32 -0.24
N ILE A 9 -19.70 8.29 -0.90
CA ILE A 9 -19.30 9.69 -0.76
C ILE A 9 -20.57 10.54 -0.81
N VAL A 10 -20.66 11.53 0.08
CA VAL A 10 -21.80 12.42 0.08
C VAL A 10 -21.52 13.42 -1.03
N PRO A 11 -22.35 13.44 -2.08
CA PRO A 11 -22.20 14.34 -3.24
C PRO A 11 -22.39 15.83 -2.94
N ARG A 12 -21.79 16.67 -3.77
CA ARG A 12 -21.87 18.12 -3.61
C ARG A 12 -23.29 18.60 -3.31
N ARG A 13 -24.21 18.25 -4.21
CA ARG A 13 -25.60 18.66 -4.07
C ARG A 13 -26.24 18.30 -2.75
N GLU A 14 -25.91 17.12 -2.22
CA GLU A 14 -26.46 16.66 -0.96
C GLU A 14 -26.08 17.53 0.25
N TRP A 15 -24.85 18.05 0.31
CA TRP A 15 -24.50 18.90 1.43
C TRP A 15 -24.69 20.37 1.03
N ARG A 16 -25.52 20.58 0.03
CA ARG A 16 -25.91 21.89 -0.46
C ARG A 16 -24.78 22.81 -0.87
N ALA A 17 -23.92 22.35 -1.74
CA ALA A 17 -22.73 23.09 -2.08
C ALA A 17 -22.86 24.04 -3.24
N LEU A 18 -22.23 25.19 -3.11
CA LEU A 18 -22.20 26.20 -4.14
C LEU A 18 -21.49 25.58 -5.33
N ALA A 19 -21.94 25.91 -6.53
CA ALA A 19 -21.34 25.37 -7.73
C ALA A 19 -19.89 25.84 -7.80
N SER A 20 -19.03 24.93 -8.23
CA SER A 20 -17.61 25.23 -8.35
C SER A 20 -17.34 26.05 -9.61
N GLU A 21 -16.33 26.91 -9.51
CA GLU A 21 -15.90 27.73 -10.62
C GLU A 21 -14.48 27.30 -10.99
N CYS A 22 -13.96 26.30 -10.25
CA CYS A 22 -12.62 25.75 -10.46
C CYS A 22 -12.32 24.78 -11.60
N ARG A 23 -11.36 25.13 -12.45
CA ARG A 23 -11.13 24.46 -13.73
C ARG A 23 -9.78 23.73 -13.95
N GLU A 24 -8.73 24.12 -13.22
CA GLU A 24 -7.47 23.41 -13.41
C GLU A 24 -7.54 21.97 -12.90
N ARG A 25 -7.27 21.02 -13.79
CA ARG A 25 -7.29 19.58 -13.49
C ARG A 25 -5.96 19.03 -12.95
N LEU A 26 -6.01 17.82 -12.39
CA LEU A 26 -4.79 17.18 -11.90
C LEU A 26 -4.43 16.12 -12.93
N THR A 27 -3.18 15.67 -12.90
CA THR A 27 -2.73 14.66 -13.84
C THR A 27 -2.88 13.32 -13.15
N ARG A 28 -3.75 12.47 -13.67
CA ARG A 28 -3.91 11.15 -13.07
C ARG A 28 -2.74 10.30 -13.56
N PRO A 29 -2.17 9.46 -12.70
CA PRO A 29 -2.53 9.23 -11.31
C PRO A 29 -1.68 10.09 -10.37
N VAL A 30 -2.33 10.68 -9.39
CA VAL A 30 -1.67 11.54 -8.40
C VAL A 30 -0.82 10.65 -7.47
N ARG A 31 0.35 11.15 -7.07
CA ARG A 31 1.26 10.38 -6.22
C ARG A 31 1.13 10.68 -4.74
N TYR A 32 0.80 11.91 -4.42
CA TYR A 32 0.68 12.35 -3.02
C TYR A 32 -0.72 12.66 -2.53
N VAL A 33 -0.92 12.43 -1.23
CA VAL A 33 -2.17 12.73 -0.55
C VAL A 33 -1.71 13.49 0.67
N VAL A 34 -2.32 14.63 0.92
CA VAL A 34 -1.94 15.43 2.08
C VAL A 34 -3.13 15.54 3.03
N VAL A 35 -2.89 15.21 4.29
CA VAL A 35 -3.92 15.22 5.30
C VAL A 35 -3.88 16.45 6.21
N SER A 36 -5.01 17.13 6.28
CA SER A 36 -5.15 18.33 7.10
C SER A 36 -6.38 18.21 7.98
N HIS A 37 -6.56 19.16 8.88
CA HIS A 37 -7.74 19.20 9.69
C HIS A 37 -8.20 20.61 9.35
N THR A 38 -9.39 20.99 9.79
CA THR A 38 -9.93 22.31 9.49
C THR A 38 -9.71 23.25 10.66
N ALA A 39 -9.37 22.69 11.82
CA ALA A 39 -9.12 23.51 12.99
C ALA A 39 -10.40 24.28 13.23
N GLY A 40 -11.52 23.68 12.85
CA GLY A 40 -12.81 24.30 13.07
C GLY A 40 -13.69 23.43 13.95
N SER A 41 -14.98 23.73 13.96
CA SER A 41 -15.95 22.99 14.75
C SER A 41 -16.10 21.56 14.25
N HIS A 42 -16.31 20.60 15.14
CA HIS A 42 -16.52 19.25 14.67
C HIS A 42 -18.02 19.00 14.70
N CYS A 43 -18.45 17.95 14.03
CA CYS A 43 -19.86 17.60 13.93
C CYS A 43 -19.82 16.10 13.98
N ASP A 44 -20.83 15.49 14.56
CA ASP A 44 -20.91 14.03 14.67
C ASP A 44 -22.08 13.41 13.91
N THR A 45 -22.82 14.21 13.16
CA THR A 45 -24.06 13.73 12.56
C THR A 45 -24.10 14.10 11.10
N PRO A 46 -24.80 13.31 10.28
CA PRO A 46 -24.92 13.58 8.85
C PRO A 46 -25.39 15.02 8.62
N ALA A 47 -26.36 15.42 9.43
CA ALA A 47 -26.97 16.74 9.37
C ALA A 47 -26.04 17.87 9.75
N SER A 48 -25.41 17.75 10.91
CA SER A 48 -24.50 18.76 11.40
C SER A 48 -23.20 18.86 10.59
N CYS A 49 -22.79 17.74 10.00
CA CYS A 49 -21.58 17.71 9.19
C CYS A 49 -21.77 18.30 7.78
N ALA A 50 -22.98 18.17 7.25
CA ALA A 50 -23.27 18.74 5.93
C ALA A 50 -23.17 20.26 6.13
N GLN A 51 -23.68 20.71 7.27
CA GLN A 51 -23.64 22.13 7.58
C GLN A 51 -22.20 22.58 7.57
N GLN A 52 -21.36 21.89 8.35
CA GLN A 52 -19.95 22.23 8.46
C GLN A 52 -19.22 22.26 7.12
N ALA A 53 -19.48 21.30 6.25
CA ALA A 53 -18.83 21.30 4.95
C ALA A 53 -19.17 22.66 4.32
N GLN A 54 -20.46 22.97 4.36
CA GLN A 54 -21.00 24.22 3.83
C GLN A 54 -20.29 25.45 4.42
N ASN A 55 -20.09 25.45 5.74
CA ASN A 55 -19.41 26.54 6.43
C ASN A 55 -18.00 26.71 5.91
N VAL A 56 -17.33 25.59 5.69
CA VAL A 56 -15.97 25.63 5.21
C VAL A 56 -15.87 26.09 3.76
N GLN A 57 -16.73 25.58 2.89
CA GLN A 57 -16.70 26.00 1.50
C GLN A 57 -16.95 27.51 1.51
N SER A 58 -18.01 27.89 2.20
CA SER A 58 -18.42 29.27 2.36
C SER A 58 -17.19 30.16 2.61
N TYR A 59 -16.57 29.96 3.77
CA TYR A 59 -15.39 30.70 4.17
C TYR A 59 -14.25 30.76 3.13
N HIS A 60 -14.01 29.66 2.42
CA HIS A 60 -12.96 29.61 1.39
C HIS A 60 -13.34 30.43 0.16
N VAL A 61 -14.59 30.31 -0.24
CA VAL A 61 -15.09 31.00 -1.43
C VAL A 61 -15.39 32.49 -1.20
N ARG A 62 -16.26 32.76 -0.24
CA ARG A 62 -16.66 34.12 0.08
C ARG A 62 -15.58 35.03 0.69
N ASN A 63 -14.79 34.49 1.61
CA ASN A 63 -13.75 35.29 2.27
C ASN A 63 -12.33 35.20 1.71
N LEU A 64 -11.93 34.06 1.17
CA LEU A 64 -10.58 33.94 0.63
C LEU A 64 -10.60 33.95 -0.90
N GLY A 65 -11.81 34.01 -1.45
CA GLY A 65 -11.97 34.05 -2.90
C GLY A 65 -11.55 32.87 -3.75
N TRP A 66 -11.51 31.66 -3.20
CA TRP A 66 -11.13 30.53 -4.03
C TRP A 66 -12.31 30.13 -4.88
N CYS A 67 -12.05 29.30 -5.89
CA CYS A 67 -13.07 28.89 -6.83
C CYS A 67 -14.00 27.83 -6.27
N ASP A 68 -13.57 27.23 -5.17
CA ASP A 68 -14.29 26.12 -4.56
C ASP A 68 -13.73 25.88 -3.18
N VAL A 69 -14.42 25.09 -2.37
CA VAL A 69 -13.85 24.64 -1.12
C VAL A 69 -12.44 24.17 -1.52
N GLY A 70 -11.42 24.52 -0.74
CA GLY A 70 -10.07 24.15 -1.10
C GLY A 70 -9.68 22.68 -1.14
N TYR A 71 -10.28 21.86 -0.28
CA TYR A 71 -9.97 20.44 -0.20
C TYR A 71 -10.65 19.61 -1.27
N ASN A 72 -10.05 18.48 -1.60
CA ASN A 72 -10.63 17.57 -2.58
C ASN A 72 -11.74 16.77 -1.91
N PHE A 73 -11.58 16.52 -0.62
CA PHE A 73 -12.56 15.78 0.18
C PHE A 73 -12.47 16.19 1.64
N LEU A 74 -13.60 16.10 2.33
CA LEU A 74 -13.62 16.39 3.76
C LEU A 74 -14.09 15.13 4.46
N ILE A 75 -13.66 14.96 5.70
CA ILE A 75 -14.03 13.78 6.48
C ILE A 75 -14.71 14.23 7.76
N GLY A 76 -15.92 13.75 8.01
CA GLY A 76 -16.62 14.13 9.22
C GLY A 76 -16.56 13.09 10.32
N GLU A 77 -16.82 13.51 11.55
CA GLU A 77 -16.81 12.58 12.66
C GLU A 77 -18.09 11.74 12.65
N ASP A 78 -18.93 11.98 11.65
CA ASP A 78 -20.16 11.22 11.51
C ASP A 78 -19.80 9.96 10.77
N GLY A 79 -18.53 9.85 10.41
CA GLY A 79 -18.06 8.68 9.71
C GLY A 79 -18.31 8.77 8.22
N LEU A 80 -18.59 9.97 7.70
CA LEU A 80 -18.85 10.13 6.28
C LEU A 80 -17.86 11.01 5.54
N VAL A 81 -17.70 10.72 4.24
CA VAL A 81 -16.81 11.47 3.38
C VAL A 81 -17.62 12.49 2.59
N TYR A 82 -17.19 13.75 2.66
CA TYR A 82 -17.87 14.80 1.93
C TYR A 82 -17.04 15.21 0.74
N GLU A 83 -17.71 15.29 -0.39
CA GLU A 83 -17.06 15.63 -1.63
C GLU A 83 -16.69 17.11 -1.74
N GLY A 84 -15.49 17.32 -2.26
CA GLY A 84 -15.00 18.66 -2.46
C GLY A 84 -14.71 18.77 -3.93
N ARG A 85 -13.51 19.21 -4.25
CA ARG A 85 -13.14 19.34 -5.64
C ARG A 85 -13.11 17.99 -6.35
N GLY A 86 -13.07 16.91 -5.57
CA GLY A 86 -13.04 15.57 -6.14
C GLY A 86 -11.67 15.05 -6.51
N TRP A 87 -11.63 13.98 -7.31
CA TRP A 87 -10.36 13.39 -7.72
C TRP A 87 -9.62 14.12 -8.84
N ASN A 88 -10.36 14.54 -9.86
CA ASN A 88 -9.82 15.19 -11.04
C ASN A 88 -9.42 16.67 -11.04
N ILE A 89 -9.76 17.41 -9.99
CA ILE A 89 -9.50 18.86 -9.88
C ILE A 89 -8.51 19.39 -8.84
N LYS A 90 -7.54 20.19 -9.27
CA LYS A 90 -6.55 20.76 -8.34
C LYS A 90 -7.20 21.50 -7.18
N GLY A 91 -6.71 21.26 -5.96
CA GLY A 91 -7.29 21.93 -4.81
C GLY A 91 -6.43 23.10 -4.37
N ALA A 92 -6.82 23.69 -3.24
CA ALA A 92 -6.08 24.80 -2.62
C ALA A 92 -5.91 24.51 -1.12
N HIS A 93 -5.03 23.58 -0.80
CA HIS A 93 -4.88 23.11 0.55
C HIS A 93 -3.48 23.26 1.11
N ALA A 94 -2.47 22.93 0.33
CA ALA A 94 -1.09 22.85 0.82
C ALA A 94 0.02 23.74 0.26
N GLY A 95 -0.32 24.82 -0.43
CA GLY A 95 0.73 25.65 -0.97
C GLY A 95 0.77 25.28 -2.43
N PRO A 96 1.39 26.11 -3.30
CA PRO A 96 1.53 25.96 -4.75
C PRO A 96 2.48 24.89 -5.30
N THR A 97 3.39 24.41 -4.45
CA THR A 97 4.31 23.38 -4.89
C THR A 97 3.48 22.12 -4.85
N TRP A 98 2.78 21.95 -3.73
CA TRP A 98 1.98 20.75 -3.50
C TRP A 98 0.58 20.64 -4.08
N ASN A 99 -0.19 21.73 -4.13
CA ASN A 99 -1.56 21.66 -4.66
C ASN A 99 -1.68 21.02 -6.05
N PRO A 100 -0.68 21.22 -6.91
CA PRO A 100 -0.74 20.63 -8.26
C PRO A 100 -0.36 19.15 -8.39
N ILE A 101 0.21 18.56 -7.34
CA ILE A 101 0.59 17.18 -7.34
C ILE A 101 -0.03 16.27 -6.26
N SER A 102 -0.95 16.78 -5.47
CA SER A 102 -1.49 15.96 -4.40
C SER A 102 -3.01 16.04 -4.28
N ILE A 103 -3.55 15.26 -3.35
CA ILE A 103 -4.97 15.27 -3.11
C ILE A 103 -5.10 15.79 -1.69
N GLY A 104 -6.05 16.70 -1.47
CA GLY A 104 -6.22 17.25 -0.14
C GLY A 104 -7.39 16.63 0.61
N ILE A 105 -7.10 16.11 1.79
CA ILE A 105 -8.13 15.50 2.61
C ILE A 105 -8.10 16.20 3.93
N SER A 106 -9.23 16.73 4.34
CA SER A 106 -9.28 17.43 5.60
C SER A 106 -10.34 16.85 6.52
N PHE A 107 -9.95 16.66 7.78
CA PHE A 107 -10.85 16.15 8.81
C PHE A 107 -11.52 17.38 9.42
N MET A 108 -12.83 17.38 9.52
CA MET A 108 -13.50 18.56 10.02
C MET A 108 -13.38 18.54 11.53
N GLY A 109 -12.52 19.42 12.03
CA GLY A 109 -12.36 19.60 13.47
C GLY A 109 -10.97 20.07 13.84
N ASN A 110 -10.77 20.28 15.12
CA ASN A 110 -9.45 20.58 15.62
C ASN A 110 -8.97 19.32 16.30
N TYR A 111 -7.98 18.69 15.69
CA TYR A 111 -7.37 17.50 16.25
C TYR A 111 -6.04 17.66 16.94
N MET A 112 -5.93 18.69 17.76
CA MET A 112 -4.72 18.97 18.53
C MET A 112 -4.80 18.17 19.84
N ASN A 113 -5.93 18.29 20.54
CA ASN A 113 -6.16 17.57 21.78
C ASN A 113 -7.17 16.41 21.70
N ARG A 114 -7.57 16.07 20.48
CA ARG A 114 -8.69 15.17 20.22
C ARG A 114 -8.30 14.29 19.07
N VAL A 115 -8.73 13.05 19.08
CA VAL A 115 -8.44 12.20 17.95
C VAL A 115 -9.80 12.03 17.32
N PRO A 116 -9.82 11.83 16.02
CA PRO A 116 -11.12 11.65 15.40
C PRO A 116 -11.48 10.19 15.66
N PRO A 117 -12.80 9.89 15.74
CA PRO A 117 -13.32 8.55 15.99
C PRO A 117 -12.93 7.54 14.91
N PRO A 118 -12.84 6.24 15.28
CA PRO A 118 -12.48 5.18 14.35
C PRO A 118 -13.23 5.23 13.03
N ARG A 119 -14.51 5.57 13.06
CA ARG A 119 -15.31 5.62 11.83
C ARG A 119 -14.82 6.72 10.88
N ALA A 120 -14.23 7.78 11.41
CA ALA A 120 -13.74 8.86 10.57
C ALA A 120 -12.49 8.34 9.88
N LEU A 121 -11.58 7.79 10.67
CA LEU A 121 -10.35 7.23 10.17
C LEU A 121 -10.64 6.17 9.12
N ARG A 122 -11.67 5.34 9.35
CA ARG A 122 -12.04 4.28 8.41
C ARG A 122 -12.48 4.83 7.06
N ALA A 123 -13.26 5.91 7.07
CA ALA A 123 -13.71 6.51 5.82
C ALA A 123 -12.53 7.09 5.06
N ALA A 124 -11.68 7.83 5.75
CA ALA A 124 -10.51 8.43 5.13
C ALA A 124 -9.69 7.36 4.44
N GLN A 125 -9.36 6.31 5.15
CA GLN A 125 -8.56 5.24 4.58
C GLN A 125 -9.23 4.51 3.45
N ASN A 126 -10.52 4.21 3.61
CA ASN A 126 -11.28 3.53 2.58
C ASN A 126 -11.30 4.41 1.33
N LEU A 127 -11.55 5.69 1.53
CA LEU A 127 -11.57 6.66 0.43
C LEU A 127 -10.31 6.55 -0.42
N LEU A 128 -9.15 6.45 0.21
CA LEU A 128 -7.90 6.37 -0.52
C LEU A 128 -7.78 5.09 -1.32
N ALA A 129 -8.27 3.99 -0.77
CA ALA A 129 -8.22 2.72 -1.47
C ALA A 129 -9.09 2.88 -2.71
N CYS A 130 -10.15 3.67 -2.59
CA CYS A 130 -11.06 3.93 -3.69
C CYS A 130 -10.31 4.73 -4.77
N GLY A 131 -9.49 5.68 -4.31
CA GLY A 131 -8.72 6.47 -5.25
C GLY A 131 -7.84 5.54 -6.05
N VAL A 132 -7.08 4.69 -5.37
CA VAL A 132 -6.21 3.75 -6.07
C VAL A 132 -7.03 2.94 -7.09
N ALA A 133 -8.02 2.19 -6.60
CA ALA A 133 -8.84 1.38 -7.49
C ALA A 133 -9.45 2.13 -8.68
N LEU A 134 -9.76 3.42 -8.49
CA LEU A 134 -10.34 4.25 -9.55
C LEU A 134 -9.31 4.68 -10.59
N GLY A 135 -8.04 4.74 -10.17
CA GLY A 135 -6.97 5.13 -11.07
C GLY A 135 -6.55 6.57 -10.86
N ALA A 136 -7.21 7.23 -9.91
CA ALA A 136 -6.94 8.63 -9.58
C ALA A 136 -5.68 8.74 -8.69
N LEU A 137 -5.36 7.65 -8.01
CA LEU A 137 -4.18 7.65 -7.15
C LEU A 137 -3.25 6.56 -7.63
N ARG A 138 -1.98 6.68 -7.23
CA ARG A 138 -0.97 5.69 -7.58
C ARG A 138 -1.07 4.58 -6.55
N SER A 139 -0.96 3.34 -6.98
CA SER A 139 -1.03 2.22 -6.05
C SER A 139 -0.05 2.45 -4.92
N ASN A 140 1.08 3.09 -5.20
CA ASN A 140 2.11 3.30 -4.18
C ASN A 140 1.94 4.59 -3.38
N TYR A 141 0.86 5.30 -3.65
CA TYR A 141 0.69 6.70 -3.26
C TYR A 141 1.07 6.99 -1.83
N GLU A 142 1.58 8.20 -1.63
CA GLU A 142 2.20 8.59 -0.39
C GLU A 142 1.36 9.59 0.37
N VAL A 143 1.16 9.31 1.65
CA VAL A 143 0.37 10.18 2.52
C VAL A 143 1.33 11.07 3.29
N LYS A 144 1.00 12.35 3.39
CA LYS A 144 1.83 13.30 4.12
C LYS A 144 0.94 14.12 5.01
N GLY A 145 1.53 14.66 6.06
CA GLY A 145 0.77 15.52 6.95
C GLY A 145 0.82 16.89 6.29
N HIS A 146 -0.04 17.80 6.73
CA HIS A 146 -0.04 19.15 6.17
C HIS A 146 1.24 19.82 6.69
N ARG A 147 1.58 19.49 7.93
CA ARG A 147 2.76 20.06 8.57
C ARG A 147 4.11 19.55 8.02
N ASP A 148 4.08 18.55 7.13
CA ASP A 148 5.32 18.04 6.56
C ASP A 148 5.69 18.86 5.32
N VAL A 149 4.67 19.43 4.70
CA VAL A 149 4.84 20.22 3.49
C VAL A 149 4.57 21.72 3.64
N GLN A 150 4.30 22.17 4.86
CA GLN A 150 4.06 23.58 5.14
C GLN A 150 4.34 23.84 6.60
N PRO A 151 4.52 25.11 6.97
CA PRO A 151 4.78 25.35 8.39
C PRO A 151 3.36 25.54 8.94
N THR A 152 2.92 24.54 9.69
CA THR A 152 1.57 24.50 10.23
C THR A 152 1.46 23.49 11.37
N LEU A 153 0.38 23.57 12.13
CA LEU A 153 0.06 22.54 13.11
C LEU A 153 -0.88 21.53 12.47
N SER A 154 -1.60 21.97 11.42
CA SER A 154 -2.51 21.08 10.72
C SER A 154 -1.65 19.85 10.42
N PRO A 155 -2.20 18.63 10.54
CA PRO A 155 -3.56 18.28 10.94
C PRO A 155 -3.80 18.06 12.45
N GLY A 156 -2.99 18.67 13.31
CA GLY A 156 -3.16 18.49 14.74
C GLY A 156 -2.31 17.37 15.30
N ASP A 157 -1.65 17.61 16.43
CA ASP A 157 -0.78 16.61 17.05
C ASP A 157 -1.34 15.19 17.12
N ARG A 158 -2.51 15.06 17.76
CA ARG A 158 -3.17 13.77 17.90
C ARG A 158 -3.35 13.05 16.58
N LEU A 159 -3.96 13.74 15.62
CA LEU A 159 -4.20 13.16 14.32
C LEU A 159 -2.88 12.94 13.55
N TYR A 160 -1.92 13.84 13.76
CA TYR A 160 -0.64 13.70 13.08
C TYR A 160 0.00 12.37 13.52
N GLU A 161 0.01 12.13 14.83
CA GLU A 161 0.58 10.90 15.37
C GLU A 161 0.00 9.68 14.68
N ILE A 162 -1.34 9.63 14.60
CA ILE A 162 -2.08 8.53 13.97
C ILE A 162 -1.72 8.28 12.51
N ILE A 163 -1.70 9.34 11.70
CA ILE A 163 -1.40 9.13 10.29
C ILE A 163 0.03 8.64 10.08
N GLN A 164 0.91 8.88 11.05
CA GLN A 164 2.28 8.43 10.92
C GLN A 164 2.31 6.89 10.92
N THR A 165 1.26 6.29 11.48
CA THR A 165 1.18 4.83 11.54
C THR A 165 0.55 4.20 10.31
N TRP A 166 0.07 5.01 9.36
CA TRP A 166 -0.53 4.45 8.16
C TRP A 166 0.61 3.88 7.33
N SER A 167 0.37 2.76 6.66
CA SER A 167 1.42 2.08 5.88
C SER A 167 1.93 2.84 4.65
N HIS A 168 1.15 3.83 4.20
CA HIS A 168 1.53 4.62 3.04
C HIS A 168 2.17 5.93 3.48
N TYR A 169 2.23 6.16 4.78
CA TYR A 169 2.84 7.40 5.29
C TYR A 169 4.38 7.42 5.15
N ARG A 170 4.89 8.54 4.64
CA ARG A 170 6.33 8.78 4.49
C ARG A 170 6.44 10.28 4.83
N ALA A 171 7.27 10.62 5.81
CA ALA A 171 7.41 12.01 6.27
C ALA A 171 8.20 12.97 5.40
N GLU B 1 -6.93 -5.53 15.02
CA GLU B 1 -7.80 -6.46 15.72
C GLU B 1 -9.23 -6.28 15.26
N ASP B 2 -9.51 -6.71 14.04
CA ASP B 2 -8.46 -7.05 13.10
C ASP B 2 -8.81 -6.44 11.74
N PRO B 3 -8.71 -5.12 11.61
CA PRO B 3 -9.35 -4.52 10.42
C PRO B 3 -8.47 -3.88 9.34
N PRO B 4 -8.69 -4.23 8.09
CA PRO B 4 -8.25 -3.38 6.98
C PRO B 4 -9.46 -3.27 6.08
N ALA B 5 -10.64 -3.09 6.65
CA ALA B 5 -11.85 -3.48 5.96
C ALA B 5 -12.78 -2.45 5.26
N CYS B 6 -12.67 -2.48 3.94
CA CYS B 6 -13.74 -2.34 2.98
C CYS B 6 -14.60 -1.10 3.05
N GLY B 7 -15.90 -1.35 3.05
CA GLY B 7 -16.86 -0.38 2.56
C GLY B 7 -17.25 0.30 3.83
N SER B 8 -16.24 0.70 4.62
CA SER B 8 -16.45 1.44 5.88
C SER B 8 -17.42 0.88 6.96
N ILE B 9 -17.25 -0.37 7.39
CA ILE B 9 -18.29 -1.02 8.18
C ILE B 9 -18.01 -0.84 9.67
N VAL B 10 -19.05 -0.56 10.45
CA VAL B 10 -18.88 -0.42 11.90
C VAL B 10 -18.78 -1.85 12.43
N PRO B 11 -17.66 -2.18 13.11
CA PRO B 11 -17.56 -3.55 13.61
C PRO B 11 -18.37 -3.85 14.88
N ARG B 12 -18.68 -5.13 15.05
CA ARG B 12 -19.43 -5.63 16.19
C ARG B 12 -19.08 -4.95 17.49
N ARG B 13 -17.80 -5.01 17.86
CA ARG B 13 -17.33 -4.42 19.11
C ARG B 13 -17.63 -2.93 19.21
N GLU B 14 -17.63 -2.22 18.09
CA GLU B 14 -17.92 -0.79 18.11
C GLU B 14 -19.36 -0.43 18.49
N TRP B 15 -20.32 -1.29 18.15
CA TRP B 15 -21.70 -0.97 18.51
C TRP B 15 -22.14 -1.75 19.76
N ARG B 16 -21.12 -2.12 20.55
CA ARG B 16 -21.26 -2.85 21.81
C ARG B 16 -22.06 -4.15 21.67
N ALA B 17 -21.71 -4.92 20.65
CA ALA B 17 -22.37 -6.17 20.32
C ALA B 17 -21.96 -7.34 21.18
N LEU B 18 -22.96 -8.04 21.72
CA LEU B 18 -22.71 -9.23 22.53
C LEU B 18 -21.97 -10.15 21.57
N ALA B 19 -21.18 -11.08 22.10
CA ALA B 19 -20.43 -11.98 21.23
C ALA B 19 -21.37 -12.95 20.51
N SER B 20 -20.98 -13.36 19.31
CA SER B 20 -21.78 -14.32 18.55
C SER B 20 -21.44 -15.72 19.00
N GLU B 21 -22.40 -16.62 18.93
CA GLU B 21 -22.18 -18.03 19.13
C GLU B 21 -22.50 -18.85 17.94
N CYS B 22 -22.71 -18.22 16.81
CA CYS B 22 -23.01 -18.97 15.61
C CYS B 22 -21.88 -19.53 14.76
N ARG B 23 -22.00 -20.79 14.41
CA ARG B 23 -20.93 -21.55 13.81
C ARG B 23 -21.12 -21.91 12.35
N GLU B 24 -22.34 -22.15 11.92
CA GLU B 24 -22.63 -22.50 10.54
C GLU B 24 -22.06 -21.50 9.54
N ARG B 25 -21.44 -22.01 8.49
CA ARG B 25 -20.86 -21.14 7.48
C ARG B 25 -21.64 -21.07 6.18
N LEU B 26 -21.31 -20.07 5.37
CA LEU B 26 -21.94 -19.86 4.07
C LEU B 26 -20.85 -20.21 3.07
N THR B 27 -21.19 -20.92 2.00
CA THR B 27 -20.16 -21.27 1.03
C THR B 27 -20.00 -20.14 0.01
N ARG B 28 -18.96 -19.32 0.16
CA ARG B 28 -18.76 -18.23 -0.80
C ARG B 28 -18.11 -18.88 -2.04
N PRO B 29 -18.31 -18.31 -3.24
CA PRO B 29 -19.08 -17.11 -3.57
C PRO B 29 -20.58 -17.31 -3.45
N VAL B 30 -21.25 -16.34 -2.83
CA VAL B 30 -22.71 -16.37 -2.60
C VAL B 30 -23.54 -15.79 -3.76
N ARG B 31 -24.70 -16.41 -3.98
CA ARG B 31 -25.63 -16.07 -5.06
C ARG B 31 -26.68 -14.98 -4.85
N TYR B 32 -27.41 -15.07 -3.73
CA TYR B 32 -28.48 -14.14 -3.41
C TYR B 32 -28.22 -13.13 -2.30
N VAL B 33 -28.98 -12.04 -2.34
CA VAL B 33 -28.91 -10.97 -1.35
C VAL B 33 -30.35 -10.57 -1.02
N VAL B 34 -30.72 -10.69 0.25
CA VAL B 34 -32.07 -10.33 0.65
C VAL B 34 -32.14 -9.00 1.41
N VAL B 35 -32.95 -8.07 0.93
CA VAL B 35 -33.08 -6.80 1.62
C VAL B 35 -34.36 -6.81 2.43
N SER B 36 -34.24 -6.44 3.69
CA SER B 36 -35.37 -6.40 4.63
C SER B 36 -35.28 -5.12 5.44
N HIS B 37 -36.26 -4.88 6.30
CA HIS B 37 -36.16 -3.74 7.19
C HIS B 37 -36.38 -4.40 8.54
N THR B 38 -35.86 -3.79 9.59
CA THR B 38 -35.98 -4.35 10.94
C THR B 38 -37.40 -4.21 11.47
N ALA B 39 -38.11 -3.22 10.95
CA ALA B 39 -39.48 -2.98 11.35
C ALA B 39 -39.41 -2.39 12.74
N GLY B 40 -38.21 -1.96 13.12
CA GLY B 40 -38.00 -1.45 14.47
C GLY B 40 -37.88 0.06 14.39
N SER B 41 -37.36 0.67 15.44
CA SER B 41 -37.18 2.12 15.45
C SER B 41 -36.07 2.54 14.48
N HIS B 42 -36.20 3.69 13.85
CA HIS B 42 -35.10 4.11 12.98
C HIS B 42 -34.23 5.04 13.80
N CYS B 43 -33.02 5.27 13.32
CA CYS B 43 -32.02 6.11 13.98
C CYS B 43 -31.35 6.89 12.86
N ASP B 44 -30.75 8.04 13.16
CA ASP B 44 -30.10 8.76 12.09
C ASP B 44 -28.76 9.35 12.47
N THR B 45 -28.15 8.81 13.51
CA THR B 45 -26.85 9.26 13.96
C THR B 45 -26.08 7.99 14.29
N PRO B 46 -24.76 8.10 14.43
CA PRO B 46 -23.99 6.90 14.76
C PRO B 46 -24.26 6.48 16.19
N ALA B 47 -24.52 7.47 17.04
CA ALA B 47 -24.78 7.20 18.44
C ALA B 47 -26.09 6.46 18.62
N SER B 48 -27.13 6.92 17.92
CA SER B 48 -28.44 6.29 18.03
C SER B 48 -28.53 5.00 17.24
N CYS B 49 -27.73 4.90 16.18
CA CYS B 49 -27.75 3.70 15.36
C CYS B 49 -26.96 2.56 15.99
N ALA B 50 -25.98 2.90 16.81
CA ALA B 50 -25.17 1.90 17.49
C ALA B 50 -26.14 1.24 18.47
N GLN B 51 -26.88 2.09 19.18
CA GLN B 51 -27.87 1.63 20.14
C GLN B 51 -28.95 0.79 19.50
N GLN B 52 -29.42 1.19 18.33
CA GLN B 52 -30.47 0.44 17.66
C GLN B 52 -30.02 -0.96 17.23
N ALA B 53 -28.80 -1.08 16.71
CA ALA B 53 -28.27 -2.39 16.30
C ALA B 53 -28.17 -3.25 17.54
N GLN B 54 -27.75 -2.62 18.63
CA GLN B 54 -27.58 -3.26 19.92
C GLN B 54 -28.94 -3.80 20.39
N ASN B 55 -29.96 -2.97 20.22
CA ASN B 55 -31.31 -3.32 20.63
C ASN B 55 -31.85 -4.43 19.78
N VAL B 56 -31.60 -4.42 18.48
CA VAL B 56 -32.11 -5.48 17.65
C VAL B 56 -31.46 -6.81 18.04
N GLN B 57 -30.14 -6.80 18.17
CA GLN B 57 -29.40 -8.01 18.54
C GLN B 57 -29.95 -8.61 19.85
N SER B 58 -30.09 -7.75 20.86
CA SER B 58 -30.60 -8.16 22.16
C SER B 58 -31.92 -8.90 22.06
N TYR B 59 -32.85 -8.36 21.28
CA TYR B 59 -34.14 -9.01 21.13
C TYR B 59 -33.99 -10.39 20.51
N HIS B 60 -33.08 -10.51 19.56
CA HIS B 60 -32.83 -11.79 18.89
C HIS B 60 -32.16 -12.83 19.78
N VAL B 61 -31.20 -12.39 20.56
CA VAL B 61 -30.45 -13.28 21.43
C VAL B 61 -31.15 -13.62 22.75
N ARG B 62 -31.47 -12.60 23.54
CA ARG B 62 -32.14 -12.83 24.81
C ARG B 62 -33.52 -13.42 24.63
N ASN B 63 -34.32 -12.78 23.78
CA ASN B 63 -35.69 -13.25 23.62
C ASN B 63 -36.02 -14.38 22.64
N LEU B 64 -35.41 -14.44 21.46
CA LEU B 64 -35.71 -15.55 20.54
C LEU B 64 -34.69 -16.67 20.72
N GLY B 65 -33.67 -16.38 21.52
CA GLY B 65 -32.64 -17.38 21.79
C GLY B 65 -31.65 -17.68 20.67
N TRP B 66 -31.53 -16.77 19.70
CA TRP B 66 -30.59 -16.98 18.59
C TRP B 66 -29.13 -16.78 19.00
N CYS B 67 -28.22 -17.37 18.24
CA CYS B 67 -26.78 -17.28 18.51
C CYS B 67 -26.17 -15.90 18.29
N ASP B 68 -26.82 -15.13 17.40
CA ASP B 68 -26.38 -13.78 17.06
C ASP B 68 -27.52 -13.01 16.40
N VAL B 69 -27.41 -11.69 16.32
CA VAL B 69 -28.37 -10.91 15.57
C VAL B 69 -28.58 -11.68 14.28
N GLY B 70 -29.82 -11.76 13.83
CA GLY B 70 -30.10 -12.52 12.62
C GLY B 70 -29.51 -12.11 11.30
N TYR B 71 -29.34 -10.81 11.07
CA TYR B 71 -28.82 -10.29 9.80
C TYR B 71 -27.29 -10.30 9.65
N ASN B 72 -26.83 -10.47 8.42
CA ASN B 72 -25.40 -10.47 8.14
C ASN B 72 -24.92 -9.04 8.34
N PHE B 73 -25.71 -8.07 7.86
CA PHE B 73 -25.38 -6.65 7.99
C PHE B 73 -26.62 -5.80 8.26
N LEU B 74 -26.41 -4.66 8.91
CA LEU B 74 -27.49 -3.74 9.22
C LEU B 74 -27.13 -2.34 8.69
N ILE B 75 -28.10 -1.65 8.09
CA ILE B 75 -27.87 -0.30 7.53
C ILE B 75 -28.62 0.81 8.25
N GLY B 76 -27.91 1.77 8.80
CA GLY B 76 -28.56 2.85 9.51
C GLY B 76 -28.75 4.09 8.66
N GLU B 77 -29.72 4.93 9.04
CA GLU B 77 -29.98 6.16 8.29
C GLU B 77 -28.87 7.19 8.48
N ASP B 78 -27.91 6.82 9.32
CA ASP B 78 -26.75 7.66 9.60
C ASP B 78 -25.79 7.43 8.42
N GLY B 79 -26.18 6.55 7.52
CA GLY B 79 -25.35 6.28 6.36
C GLY B 79 -24.27 5.23 6.58
N LEU B 80 -24.27 4.58 7.74
CA LEU B 80 -23.27 3.57 8.05
C LEU B 80 -23.79 2.14 7.99
N VAL B 81 -22.88 1.20 7.72
CA VAL B 81 -23.25 -0.20 7.67
C VAL B 81 -22.78 -0.80 8.98
N TYR B 82 -23.64 -1.61 9.58
CA TYR B 82 -23.35 -2.25 10.85
C TYR B 82 -23.11 -3.72 10.70
N GLU B 83 -21.98 -4.17 11.19
CA GLU B 83 -21.59 -5.56 11.10
C GLU B 83 -22.43 -6.45 12.00
N GLY B 84 -23.12 -7.39 11.37
CA GLY B 84 -23.94 -8.34 12.09
C GLY B 84 -23.14 -9.62 12.11
N ARG B 85 -23.61 -10.61 11.38
CA ARG B 85 -22.96 -11.90 11.32
C ARG B 85 -21.83 -11.94 10.28
N GLY B 86 -21.80 -10.96 9.39
CA GLY B 86 -20.75 -10.91 8.38
C GLY B 86 -20.93 -11.70 7.09
N TRP B 87 -19.85 -11.77 6.32
CA TRP B 87 -19.84 -12.47 5.04
C TRP B 87 -19.78 -13.97 5.13
N ASN B 88 -19.23 -14.47 6.23
CA ASN B 88 -19.04 -15.90 6.40
C ASN B 88 -20.08 -16.76 7.10
N ILE B 89 -20.78 -16.17 8.06
CA ILE B 89 -21.75 -16.94 8.84
C ILE B 89 -23.19 -16.90 8.35
N LYS B 90 -23.77 -18.08 8.19
CA LYS B 90 -25.15 -18.22 7.74
C LYS B 90 -26.04 -17.35 8.63
N GLY B 91 -26.93 -16.59 8.01
CA GLY B 91 -27.80 -15.72 8.77
C GLY B 91 -29.14 -16.34 9.14
N ALA B 92 -29.97 -15.53 9.80
CA ALA B 92 -31.33 -15.91 10.17
C ALA B 92 -32.29 -14.76 9.83
N HIS B 93 -32.55 -14.57 8.55
CA HIS B 93 -33.39 -13.46 8.09
C HIS B 93 -34.54 -13.84 7.16
N ALA B 94 -34.33 -14.89 6.38
CA ALA B 94 -35.24 -15.27 5.32
C ALA B 94 -35.81 -16.66 5.36
N GLY B 95 -35.72 -17.34 6.46
CA GLY B 95 -36.22 -18.70 6.53
C GLY B 95 -35.16 -19.68 6.05
N PRO B 96 -35.34 -20.99 6.35
CA PRO B 96 -34.37 -22.05 6.11
C PRO B 96 -34.08 -22.36 4.63
N THR B 97 -34.87 -21.83 3.72
CA THR B 97 -34.65 -22.07 2.30
C THR B 97 -33.56 -21.12 1.83
N TRP B 98 -33.70 -19.88 2.28
CA TRP B 98 -32.80 -18.80 1.90
C TRP B 98 -31.64 -18.41 2.80
N ASN B 99 -31.73 -18.73 4.09
CA ASN B 99 -30.64 -18.35 5.00
C ASN B 99 -29.26 -18.92 4.62
N PRO B 100 -29.21 -20.14 4.07
CA PRO B 100 -27.90 -20.69 3.70
C PRO B 100 -27.36 -20.35 2.31
N ILE B 101 -28.19 -19.71 1.49
CA ILE B 101 -27.80 -19.32 0.14
C ILE B 101 -27.78 -17.81 -0.16
N SER B 102 -27.98 -16.98 0.86
CA SER B 102 -28.13 -15.54 0.64
C SER B 102 -27.49 -14.72 1.75
N ILE B 103 -27.30 -13.43 1.48
CA ILE B 103 -26.75 -12.52 2.47
C ILE B 103 -27.87 -11.53 2.79
N GLY B 104 -28.35 -11.56 4.03
CA GLY B 104 -29.42 -10.65 4.39
C GLY B 104 -28.87 -9.34 4.92
N ILE B 105 -29.32 -8.23 4.34
CA ILE B 105 -28.93 -6.93 4.84
C ILE B 105 -30.26 -6.29 5.27
N SER B 106 -30.24 -5.57 6.38
CA SER B 106 -31.48 -4.99 6.86
C SER B 106 -31.40 -3.51 7.18
N PHE B 107 -32.36 -2.75 6.62
CA PHE B 107 -32.43 -1.32 6.85
C PHE B 107 -33.13 -1.11 8.20
N MET B 108 -32.52 -0.30 9.05
CA MET B 108 -33.07 -0.10 10.37
C MET B 108 -34.18 0.93 10.29
N GLY B 109 -35.39 0.46 10.58
CA GLY B 109 -36.56 1.30 10.70
C GLY B 109 -37.72 0.70 9.94
N ASN B 110 -38.83 1.43 9.85
CA ASN B 110 -39.99 0.95 9.12
C ASN B 110 -40.05 1.79 7.87
N TYR B 111 -40.06 1.14 6.72
CA TYR B 111 -40.12 1.86 5.49
C TYR B 111 -41.35 1.61 4.65
N MET B 112 -42.51 1.44 5.34
CA MET B 112 -43.78 1.18 4.64
C MET B 112 -44.20 2.48 3.96
N ASN B 113 -44.24 3.54 4.77
CA ASN B 113 -44.66 4.86 4.29
C ASN B 113 -43.52 5.86 4.54
N ARG B 114 -42.29 5.38 4.42
CA ARG B 114 -41.09 6.18 4.61
C ARG B 114 -40.01 5.64 3.66
N VAL B 115 -38.96 6.41 3.43
CA VAL B 115 -37.90 5.96 2.53
C VAL B 115 -36.56 6.22 3.19
N PRO B 116 -35.56 5.35 2.94
CA PRO B 116 -34.25 5.55 3.56
C PRO B 116 -33.54 6.68 2.83
N PRO B 117 -32.77 7.51 3.57
CA PRO B 117 -32.07 8.60 2.88
C PRO B 117 -31.03 8.02 1.91
N PRO B 118 -30.69 8.76 0.83
CA PRO B 118 -29.70 8.29 -0.16
C PRO B 118 -28.45 7.70 0.47
N ARG B 119 -27.93 8.36 1.51
CA ARG B 119 -26.71 7.88 2.14
C ARG B 119 -26.84 6.44 2.60
N ALA B 120 -28.04 6.04 3.02
CA ALA B 120 -28.25 4.67 3.46
C ALA B 120 -28.26 3.77 2.24
N LEU B 121 -28.92 4.22 1.17
CA LEU B 121 -28.97 3.43 -0.05
C LEU B 121 -27.55 3.31 -0.61
N ARG B 122 -26.78 4.39 -0.52
CA ARG B 122 -25.40 4.38 -1.01
C ARG B 122 -24.56 3.36 -0.26
N ALA B 123 -24.61 3.44 1.06
CA ALA B 123 -23.87 2.52 1.92
C ALA B 123 -24.23 1.08 1.57
N ALA B 124 -25.51 0.85 1.28
CA ALA B 124 -26.02 -0.47 0.94
C ALA B 124 -25.38 -1.02 -0.33
N GLN B 125 -25.46 -0.27 -1.42
CA GLN B 125 -24.86 -0.72 -2.68
C GLN B 125 -23.35 -0.84 -2.54
N ASN B 126 -22.73 0.14 -1.88
CA ASN B 126 -21.28 0.10 -1.64
C ASN B 126 -21.01 -1.22 -0.91
N LEU B 127 -21.75 -1.45 0.17
CA LEU B 127 -21.59 -2.69 0.92
C LEU B 127 -21.57 -3.86 -0.03
N LEU B 128 -22.56 -3.93 -0.92
CA LEU B 128 -22.65 -5.02 -1.87
C LEU B 128 -21.44 -5.15 -2.82
N ALA B 129 -20.97 -4.03 -3.35
CA ALA B 129 -19.82 -4.07 -4.24
C ALA B 129 -18.63 -4.61 -3.44
N CYS B 130 -18.47 -4.08 -2.24
CA CYS B 130 -17.40 -4.48 -1.34
C CYS B 130 -17.45 -6.01 -1.13
N GLY B 131 -18.63 -6.58 -1.28
CA GLY B 131 -18.79 -8.02 -1.11
C GLY B 131 -18.13 -8.77 -2.25
N VAL B 132 -18.54 -8.45 -3.47
CA VAL B 132 -17.95 -9.09 -4.64
C VAL B 132 -16.43 -8.99 -4.53
N ALA B 133 -15.94 -7.76 -4.38
CA ALA B 133 -14.52 -7.48 -4.26
C ALA B 133 -13.76 -8.50 -3.41
N LEU B 134 -14.40 -9.00 -2.36
CA LEU B 134 -13.78 -9.96 -1.45
C LEU B 134 -14.04 -11.44 -1.79
N GLY B 135 -14.99 -11.70 -2.67
CA GLY B 135 -15.29 -13.08 -3.04
C GLY B 135 -16.50 -13.67 -2.35
N ALA B 136 -17.05 -12.92 -1.39
CA ALA B 136 -18.24 -13.37 -0.65
C ALA B 136 -19.45 -13.41 -1.56
N LEU B 137 -19.66 -12.34 -2.32
CA LEU B 137 -20.76 -12.27 -3.26
C LEU B 137 -20.23 -12.67 -4.62
N ARG B 138 -21.10 -13.20 -5.48
CA ARG B 138 -20.65 -13.55 -6.82
C ARG B 138 -21.13 -12.40 -7.72
N SER B 139 -20.32 -12.00 -8.67
CA SER B 139 -20.56 -10.72 -9.35
C SER B 139 -21.97 -10.72 -9.93
N ASN B 140 -22.48 -11.88 -10.26
CA ASN B 140 -23.74 -12.04 -10.93
C ASN B 140 -24.84 -11.85 -9.94
N TYR B 141 -24.47 -11.50 -8.73
CA TYR B 141 -25.37 -11.58 -7.58
C TYR B 141 -26.75 -10.97 -7.82
N GLU B 142 -27.77 -11.61 -7.25
CA GLU B 142 -29.13 -11.14 -7.41
C GLU B 142 -29.74 -10.64 -6.12
N VAL B 143 -30.40 -9.50 -6.21
CA VAL B 143 -31.02 -8.87 -5.05
C VAL B 143 -32.53 -9.15 -5.00
N LYS B 144 -32.98 -9.81 -3.94
CA LYS B 144 -34.40 -10.10 -3.78
C LYS B 144 -34.86 -9.29 -2.59
N GLY B 145 -36.13 -8.92 -2.58
CA GLY B 145 -36.67 -8.18 -1.47
C GLY B 145 -37.18 -9.25 -0.52
N HIS B 146 -37.22 -8.97 0.78
CA HIS B 146 -37.68 -9.92 1.79
C HIS B 146 -39.03 -10.57 1.41
N ARG B 147 -39.98 -9.75 0.99
CA ARG B 147 -41.31 -10.22 0.61
C ARG B 147 -41.34 -11.04 -0.68
N ASP B 148 -40.23 -11.13 -1.40
CA ASP B 148 -40.22 -11.91 -2.64
C ASP B 148 -39.94 -13.36 -2.32
N VAL B 149 -39.53 -13.62 -1.08
CA VAL B 149 -39.20 -14.98 -0.70
C VAL B 149 -39.88 -15.43 0.58
N GLN B 150 -40.62 -14.52 1.21
CA GLN B 150 -41.35 -14.84 2.44
C GLN B 150 -42.60 -14.02 2.60
N PRO B 151 -43.65 -14.64 3.14
CA PRO B 151 -44.88 -13.87 3.32
C PRO B 151 -44.58 -12.87 4.43
N THR B 152 -44.29 -11.64 4.02
CA THR B 152 -44.02 -10.55 4.94
C THR B 152 -44.22 -9.23 4.20
N LEU B 153 -44.40 -8.15 4.94
CA LEU B 153 -44.43 -6.82 4.33
C LEU B 153 -43.03 -6.19 4.18
N SER B 154 -42.05 -6.77 4.88
CA SER B 154 -40.66 -6.30 4.84
C SER B 154 -40.19 -6.29 3.38
N PRO B 155 -39.37 -5.30 2.97
CA PRO B 155 -38.83 -4.16 3.71
C PRO B 155 -39.69 -2.89 3.74
N GLY B 156 -40.95 -3.00 3.35
CA GLY B 156 -41.82 -1.82 3.34
C GLY B 156 -42.18 -1.47 1.90
N ASP B 157 -43.38 -0.94 1.68
CA ASP B 157 -43.82 -0.58 0.33
C ASP B 157 -42.81 0.35 -0.34
N ARG B 158 -42.49 1.46 0.35
CA ARG B 158 -41.55 2.47 -0.15
C ARG B 158 -40.12 2.01 -0.44
N LEU B 159 -39.53 1.18 0.42
CA LEU B 159 -38.16 0.73 0.18
C LEU B 159 -38.18 -0.36 -0.88
N TYR B 160 -39.25 -1.16 -0.86
CA TYR B 160 -39.37 -2.24 -1.82
C TYR B 160 -39.50 -1.74 -3.26
N GLU B 161 -40.12 -0.60 -3.47
CA GLU B 161 -40.25 -0.11 -4.83
C GLU B 161 -38.88 0.39 -5.35
N ILE B 162 -38.08 0.96 -4.46
CA ILE B 162 -36.76 1.46 -4.82
C ILE B 162 -35.82 0.31 -5.20
N ILE B 163 -35.70 -0.69 -4.35
CA ILE B 163 -34.78 -1.80 -4.66
C ILE B 163 -35.12 -2.49 -5.97
N GLN B 164 -36.34 -2.27 -6.47
CA GLN B 164 -36.74 -2.89 -7.72
C GLN B 164 -36.07 -2.15 -8.86
N THR B 165 -35.73 -0.88 -8.64
CA THR B 165 -35.07 -0.07 -9.66
C THR B 165 -33.58 -0.39 -9.72
N TRP B 166 -33.08 -1.08 -8.71
CA TRP B 166 -31.67 -1.46 -8.68
C TRP B 166 -31.33 -2.37 -9.85
N SER B 167 -30.11 -2.23 -10.36
CA SER B 167 -29.64 -3.01 -11.50
C SER B 167 -29.54 -4.52 -11.30
N HIS B 168 -29.18 -4.95 -10.10
CA HIS B 168 -29.02 -6.39 -9.86
C HIS B 168 -30.27 -7.04 -9.26
N TYR B 169 -31.32 -6.25 -9.11
CA TYR B 169 -32.56 -6.77 -8.53
C TYR B 169 -33.34 -7.68 -9.48
N ARG B 170 -33.69 -8.87 -9.03
CA ARG B 170 -34.50 -9.78 -9.85
C ARG B 170 -35.76 -9.94 -9.01
N ALA B 171 -36.91 -10.12 -9.66
CA ALA B 171 -38.16 -10.29 -8.92
C ALA B 171 -38.32 -11.73 -8.43
N GLU C 1 33.19 31.90 -0.27
CA GLU C 1 32.46 32.68 -1.25
C GLU C 1 33.16 32.74 -2.60
N ASP C 2 33.82 31.65 -2.98
CA ASP C 2 34.36 31.49 -4.32
C ASP C 2 34.15 30.09 -4.90
N PRO C 3 32.82 29.75 -5.18
CA PRO C 3 32.64 28.35 -5.61
C PRO C 3 33.27 27.98 -6.94
N PRO C 4 33.05 26.76 -7.40
CA PRO C 4 33.63 26.37 -8.67
C PRO C 4 32.64 25.97 -9.73
N ALA C 5 33.00 26.17 -10.98
CA ALA C 5 32.24 25.59 -12.07
C ALA C 5 32.87 24.22 -12.21
N CYS C 6 32.62 23.36 -11.23
CA CYS C 6 33.14 22.00 -11.23
C CYS C 6 32.24 21.04 -12.00
N GLY C 7 30.99 21.44 -12.18
CA GLY C 7 30.06 20.62 -12.92
C GLY C 7 30.53 20.52 -14.35
N SER C 8 30.63 19.29 -14.82
CA SER C 8 30.70 19.00 -16.23
C SER C 8 29.89 17.76 -16.24
N ILE C 9 28.66 18.02 -15.86
CA ILE C 9 27.58 17.09 -15.76
C ILE C 9 26.57 17.34 -16.87
N VAL C 10 26.05 16.26 -17.44
CA VAL C 10 25.07 16.33 -18.50
C VAL C 10 23.69 16.47 -17.87
N PRO C 11 23.07 17.66 -17.99
CA PRO C 11 21.73 17.87 -17.39
C PRO C 11 20.66 16.92 -17.89
N ARG C 12 19.60 16.80 -17.11
CA ARG C 12 18.47 15.95 -17.43
C ARG C 12 17.93 16.30 -18.82
N ARG C 13 17.64 17.58 -19.02
CA ARG C 13 17.12 18.06 -20.30
C ARG C 13 17.90 17.43 -21.42
N GLU C 14 19.22 17.45 -21.27
CA GLU C 14 20.10 16.91 -22.29
C GLU C 14 19.95 15.41 -22.52
N TRP C 15 19.82 14.58 -21.50
CA TRP C 15 19.66 13.18 -21.85
C TRP C 15 18.18 12.88 -22.11
N ARG C 16 17.35 13.94 -21.97
CA ARG C 16 15.92 13.87 -22.22
C ARG C 16 15.14 13.10 -21.17
N ALA C 17 15.43 13.40 -19.92
CA ALA C 17 14.79 12.74 -18.79
C ALA C 17 13.34 13.13 -18.67
N LEU C 18 12.53 12.19 -18.20
CA LEU C 18 11.13 12.47 -17.96
C LEU C 18 11.30 13.33 -16.71
N ALA C 19 10.26 14.01 -16.28
CA ALA C 19 10.35 14.90 -15.13
C ALA C 19 10.22 14.31 -13.74
N SER C 20 11.21 14.54 -12.89
CA SER C 20 11.16 14.06 -11.52
C SER C 20 9.88 14.48 -10.83
N GLU C 21 9.39 13.62 -9.97
CA GLU C 21 8.26 13.90 -9.12
C GLU C 21 8.67 13.85 -7.69
N CYS C 22 9.95 13.75 -7.46
CA CYS C 22 10.54 13.65 -6.14
C CYS C 22 10.63 14.96 -5.39
N ARG C 23 10.36 14.93 -4.10
CA ARG C 23 10.39 16.16 -3.31
C ARG C 23 11.35 16.09 -2.13
N GLU C 24 11.60 14.92 -1.57
CA GLU C 24 12.33 14.85 -0.31
C GLU C 24 13.77 15.30 -0.49
N ARG C 25 14.24 16.14 0.43
CA ARG C 25 15.59 16.66 0.33
C ARG C 25 16.64 16.09 1.28
N LEU C 26 17.89 16.20 0.84
CA LEU C 26 19.04 15.75 1.60
C LEU C 26 19.51 16.97 2.34
N THR C 27 20.07 16.79 3.52
CA THR C 27 20.59 17.95 4.24
C THR C 27 22.07 17.98 3.89
N ARG C 28 22.54 19.08 3.31
CA ARG C 28 23.94 19.19 2.97
C ARG C 28 24.62 19.85 4.17
N PRO C 29 25.90 19.52 4.43
CA PRO C 29 26.77 18.59 3.69
C PRO C 29 26.59 17.09 3.98
N VAL C 30 26.37 16.33 2.92
CA VAL C 30 26.18 14.89 3.01
C VAL C 30 27.49 14.21 3.39
N ARG C 31 27.41 13.24 4.30
CA ARG C 31 28.59 12.53 4.75
C ARG C 31 29.00 11.29 3.95
N TYR C 32 28.03 10.63 3.30
CA TYR C 32 28.35 9.41 2.55
C TYR C 32 28.03 9.37 1.07
N VAL C 33 28.74 8.50 0.38
CA VAL C 33 28.53 8.26 -1.05
C VAL C 33 28.42 6.73 -1.23
N VAL C 34 27.41 6.26 -1.94
CA VAL C 34 27.26 4.83 -2.17
C VAL C 34 27.36 4.48 -3.65
N VAL C 35 28.35 3.65 -3.97
CA VAL C 35 28.62 3.25 -5.33
C VAL C 35 27.97 1.96 -5.75
N SER C 36 27.20 2.02 -6.83
CA SER C 36 26.50 0.87 -7.36
C SER C 36 26.76 0.81 -8.85
N HIS C 37 26.21 -0.20 -9.51
CA HIS C 37 26.30 -0.29 -10.94
C HIS C 37 24.88 -0.65 -11.27
N THR C 38 24.52 -0.49 -12.53
CA THR C 38 23.17 -0.77 -12.99
C THR C 38 23.00 -2.24 -13.35
N ALA C 39 24.10 -2.96 -13.45
CA ALA C 39 24.01 -4.39 -13.69
C ALA C 39 23.38 -4.48 -15.06
N GLY C 40 23.35 -3.35 -15.75
CA GLY C 40 22.84 -3.33 -17.12
C GLY C 40 23.84 -3.30 -18.25
N SER C 41 23.33 -3.12 -19.47
CA SER C 41 24.20 -3.05 -20.63
C SER C 41 24.96 -1.73 -20.52
N HIS C 42 26.17 -1.69 -21.06
CA HIS C 42 26.94 -0.46 -20.99
C HIS C 42 26.92 0.40 -22.28
N CYS C 43 27.34 1.65 -22.16
CA CYS C 43 27.36 2.59 -23.29
C CYS C 43 28.64 3.39 -23.21
N ASP C 44 29.27 3.63 -24.36
CA ASP C 44 30.51 4.40 -24.44
C ASP C 44 30.46 5.76 -25.17
N THR C 45 29.27 6.22 -25.56
CA THR C 45 29.18 7.43 -26.36
C THR C 45 28.07 8.29 -25.79
N PRO C 46 28.15 9.61 -25.99
CA PRO C 46 27.08 10.45 -25.45
C PRO C 46 25.70 10.11 -26.02
N ALA C 47 25.64 9.72 -27.29
CA ALA C 47 24.36 9.39 -27.91
C ALA C 47 23.74 8.10 -27.35
N SER C 48 24.58 7.15 -26.97
CA SER C 48 24.07 5.90 -26.43
C SER C 48 23.88 6.00 -24.93
N CYS C 49 24.78 6.67 -24.24
CA CYS C 49 24.67 6.82 -22.81
C CYS C 49 23.47 7.67 -22.42
N ALA C 50 23.15 8.66 -23.24
CA ALA C 50 22.00 9.50 -22.94
C ALA C 50 20.75 8.63 -23.06
N GLN C 51 20.81 7.67 -23.98
CA GLN C 51 19.71 6.75 -24.22
C GLN C 51 19.63 5.79 -23.04
N GLN C 52 20.79 5.31 -22.62
CA GLN C 52 20.85 4.39 -21.50
C GLN C 52 20.22 5.05 -20.29
N ALA C 53 20.71 6.24 -19.93
CA ALA C 53 20.16 6.97 -18.79
C ALA C 53 18.64 6.98 -18.94
N GLN C 54 18.18 7.20 -20.16
CA GLN C 54 16.74 7.21 -20.44
C GLN C 54 16.06 5.93 -20.00
N ASN C 55 16.70 4.81 -20.36
CA ASN C 55 16.21 3.49 -20.05
C ASN C 55 16.22 3.20 -18.57
N VAL C 56 17.35 3.45 -17.91
CA VAL C 56 17.44 3.21 -16.48
C VAL C 56 16.31 3.97 -15.78
N GLN C 57 16.05 5.19 -16.23
CA GLN C 57 15.00 5.99 -15.62
C GLN C 57 13.61 5.41 -15.97
N SER C 58 13.47 4.94 -17.21
CA SER C 58 12.22 4.35 -17.66
C SER C 58 11.86 3.21 -16.71
N TYR C 59 12.81 2.33 -16.46
CA TYR C 59 12.60 1.19 -15.57
C TYR C 59 12.09 1.67 -14.22
N HIS C 60 12.87 2.47 -13.51
CA HIS C 60 12.49 3.00 -12.20
C HIS C 60 11.18 3.77 -12.11
N VAL C 61 10.81 4.47 -13.20
CA VAL C 61 9.59 5.26 -13.20
C VAL C 61 8.37 4.56 -13.82
N ARG C 62 8.54 3.87 -14.93
CA ARG C 62 7.40 3.18 -15.48
C ARG C 62 7.15 1.82 -14.91
N ASN C 63 8.15 0.97 -14.90
CA ASN C 63 8.00 -0.34 -14.28
C ASN C 63 7.77 -0.27 -12.77
N LEU C 64 8.76 0.27 -12.05
CA LEU C 64 8.71 0.37 -10.59
C LEU C 64 7.86 1.49 -10.00
N GLY C 65 7.30 2.33 -10.88
CA GLY C 65 6.47 3.43 -10.43
C GLY C 65 7.10 4.43 -9.48
N TRP C 66 8.41 4.62 -9.57
CA TRP C 66 9.12 5.57 -8.70
C TRP C 66 9.01 7.03 -9.20
N CYS C 67 9.29 8.00 -8.32
CA CYS C 67 9.21 9.41 -8.66
C CYS C 67 10.29 9.89 -9.63
N ASP C 68 11.40 9.17 -9.70
CA ASP C 68 12.48 9.47 -10.61
C ASP C 68 13.46 8.34 -10.61
N VAL C 69 14.44 8.37 -11.49
CA VAL C 69 15.52 7.39 -11.46
C VAL C 69 16.05 7.46 -10.03
N GLY C 70 16.35 6.31 -9.42
CA GLY C 70 16.80 6.30 -8.04
C GLY C 70 18.15 6.93 -7.69
N TYR C 71 19.10 6.91 -8.60
CA TYR C 71 20.43 7.48 -8.32
C TYR C 71 20.51 9.00 -8.41
N ASN C 72 21.42 9.57 -7.64
CA ASN C 72 21.63 11.00 -7.63
C ASN C 72 22.41 11.37 -8.90
N PHE C 73 23.35 10.51 -9.28
CA PHE C 73 24.14 10.72 -10.48
C PHE C 73 24.41 9.37 -11.10
N LEU C 74 24.66 9.37 -12.40
CA LEU C 74 24.96 8.15 -13.14
C LEU C 74 26.25 8.40 -13.88
N ILE C 75 27.17 7.44 -13.82
CA ILE C 75 28.44 7.58 -14.51
C ILE C 75 28.38 6.80 -15.82
N GLY C 76 28.93 7.35 -16.89
CA GLY C 76 28.92 6.67 -18.17
C GLY C 76 30.30 6.24 -18.62
N GLU C 77 30.35 5.26 -19.53
CA GLU C 77 31.62 4.78 -20.02
C GLU C 77 32.20 5.78 -21.02
N ASP C 78 31.38 6.76 -21.39
CA ASP C 78 31.77 7.79 -22.32
C ASP C 78 32.54 8.91 -21.64
N GLY C 79 32.75 8.77 -20.33
CA GLY C 79 33.45 9.78 -19.57
C GLY C 79 32.58 10.88 -18.98
N LEU C 80 31.28 10.85 -19.27
CA LEU C 80 30.33 11.86 -18.79
C LEU C 80 29.42 11.42 -17.65
N VAL C 81 29.12 12.40 -16.80
CA VAL C 81 28.27 12.22 -15.63
C VAL C 81 26.85 12.70 -15.93
N TYR C 82 25.87 11.82 -15.75
CA TYR C 82 24.49 12.19 -16.02
C TYR C 82 23.79 12.59 -14.75
N GLU C 83 23.13 13.75 -14.80
CA GLU C 83 22.43 14.26 -13.64
C GLU C 83 21.22 13.39 -13.36
N GLY C 84 21.19 12.81 -12.16
CA GLY C 84 20.07 11.98 -11.79
C GLY C 84 19.18 12.85 -10.94
N ARG C 85 19.13 12.57 -9.65
CA ARG C 85 18.31 13.37 -8.75
C ARG C 85 19.12 14.54 -8.20
N GLY C 86 20.41 14.58 -8.52
CA GLY C 86 21.26 15.65 -8.05
C GLY C 86 21.71 15.67 -6.60
N TRP C 87 22.37 16.76 -6.23
CA TRP C 87 22.92 16.99 -4.90
C TRP C 87 21.93 17.24 -3.79
N ASN C 88 20.74 17.71 -4.14
CA ASN C 88 19.74 18.08 -3.12
C ASN C 88 18.54 17.18 -2.91
N ILE C 89 18.31 16.23 -3.82
CA ILE C 89 17.17 15.35 -3.61
C ILE C 89 17.59 13.94 -3.14
N LYS C 90 16.86 13.43 -2.16
CA LYS C 90 17.14 12.10 -1.63
C LYS C 90 16.99 11.03 -2.71
N GLY C 91 18.03 10.22 -2.90
CA GLY C 91 17.92 9.17 -3.89
C GLY C 91 17.16 8.00 -3.30
N ALA C 92 16.93 6.98 -4.13
CA ALA C 92 16.31 5.74 -3.71
C ALA C 92 17.16 4.60 -4.25
N HIS C 93 18.33 4.41 -3.66
CA HIS C 93 19.33 3.52 -4.20
C HIS C 93 19.92 2.51 -3.24
N ALA C 94 19.95 2.83 -1.95
CA ALA C 94 20.61 1.99 -0.96
C ALA C 94 19.75 1.62 0.26
N GLY C 95 18.46 1.83 0.15
CA GLY C 95 17.57 1.64 1.25
C GLY C 95 17.34 2.77 2.20
N PRO C 96 16.40 2.47 3.21
CA PRO C 96 15.97 3.61 4.03
C PRO C 96 16.88 4.15 5.09
N THR C 97 17.94 3.44 5.35
CA THR C 97 18.89 3.84 6.37
C THR C 97 19.97 4.69 5.74
N TRP C 98 20.37 4.33 4.53
CA TRP C 98 21.41 5.07 3.87
C TRP C 98 20.94 6.18 2.93
N ASN C 99 19.86 5.94 2.19
CA ASN C 99 19.35 6.93 1.25
C ASN C 99 19.28 8.34 1.84
N PRO C 100 18.66 8.49 3.01
CA PRO C 100 18.56 9.82 3.64
C PRO C 100 19.87 10.50 4.07
N ILE C 101 20.97 9.79 3.99
CA ILE C 101 22.25 10.32 4.41
C ILE C 101 23.33 10.26 3.36
N SER C 102 23.03 9.76 2.19
CA SER C 102 24.04 9.49 1.19
C SER C 102 23.71 10.00 -0.20
N ILE C 103 24.75 10.06 -1.02
CA ILE C 103 24.60 10.44 -2.41
C ILE C 103 24.92 9.13 -3.09
N GLY C 104 24.04 8.68 -3.98
CA GLY C 104 24.30 7.43 -4.64
C GLY C 104 24.64 7.60 -6.10
N ILE C 105 25.84 7.17 -6.49
CA ILE C 105 26.26 7.25 -7.88
C ILE C 105 26.33 5.82 -8.39
N SER C 106 25.94 5.62 -9.64
CA SER C 106 25.92 4.29 -10.23
C SER C 106 26.57 4.27 -11.61
N PHE C 107 27.51 3.36 -11.79
CA PHE C 107 28.19 3.23 -13.07
C PHE C 107 27.30 2.46 -14.04
N MET C 108 27.13 2.95 -15.23
CA MET C 108 26.18 2.34 -16.10
C MET C 108 26.77 1.17 -16.84
N GLY C 109 26.40 -0.01 -16.40
CA GLY C 109 26.85 -1.26 -16.99
C GLY C 109 27.00 -2.30 -15.91
N ASN C 110 27.50 -3.48 -16.30
CA ASN C 110 27.71 -4.57 -15.36
C ASN C 110 29.21 -4.79 -15.18
N TYR C 111 29.68 -4.57 -13.97
CA TYR C 111 31.10 -4.57 -13.67
C TYR C 111 31.56 -5.77 -12.93
N MET C 112 30.90 -6.88 -13.20
CA MET C 112 31.23 -8.14 -12.55
C MET C 112 32.47 -8.72 -13.25
N ASN C 113 32.50 -8.66 -14.58
CA ASN C 113 33.61 -9.21 -15.40
C ASN C 113 34.49 -8.24 -16.24
N ARG C 114 34.40 -6.94 -15.96
CA ARG C 114 34.96 -5.85 -16.75
C ARG C 114 35.13 -4.72 -15.76
N VAL C 115 36.24 -4.00 -15.81
CA VAL C 115 36.39 -2.84 -14.93
C VAL C 115 35.82 -1.75 -15.81
N PRO C 116 35.51 -0.59 -15.22
CA PRO C 116 34.97 0.51 -16.01
C PRO C 116 36.17 1.32 -16.54
N PRO C 117 36.09 1.84 -17.78
CA PRO C 117 37.18 2.62 -18.39
C PRO C 117 37.71 3.73 -17.49
N PRO C 118 39.03 4.00 -17.57
CA PRO C 118 39.61 5.07 -16.75
C PRO C 118 38.82 6.36 -16.77
N ARG C 119 38.30 6.72 -17.94
CA ARG C 119 37.56 7.97 -18.04
C ARG C 119 36.30 7.93 -17.20
N ALA C 120 35.75 6.74 -17.00
CA ALA C 120 34.53 6.60 -16.20
C ALA C 120 34.93 6.83 -14.75
N LEU C 121 36.10 6.30 -14.39
CA LEU C 121 36.60 6.45 -13.04
C LEU C 121 36.93 7.92 -12.77
N ARG C 122 37.56 8.59 -13.73
CA ARG C 122 37.89 10.01 -13.55
C ARG C 122 36.62 10.83 -13.33
N ALA C 123 35.63 10.60 -14.20
CA ALA C 123 34.36 11.30 -14.13
C ALA C 123 33.85 11.23 -12.69
N ALA C 124 33.71 10.01 -12.19
CA ALA C 124 33.23 9.77 -10.82
C ALA C 124 34.08 10.51 -9.77
N GLN C 125 35.38 10.31 -9.81
CA GLN C 125 36.27 10.95 -8.85
C GLN C 125 36.12 12.47 -8.90
N ASN C 126 36.11 13.05 -10.11
CA ASN C 126 35.95 14.48 -10.23
C ASN C 126 34.57 14.95 -9.74
N LEU C 127 33.54 14.11 -9.94
CA LEU C 127 32.19 14.46 -9.48
C LEU C 127 32.20 14.66 -7.98
N LEU C 128 32.89 13.80 -7.25
CA LEU C 128 32.97 13.93 -5.80
C LEU C 128 33.78 15.17 -5.42
N ALA C 129 34.89 15.39 -6.12
CA ALA C 129 35.73 16.56 -5.84
C ALA C 129 34.80 17.77 -5.90
N CYS C 130 34.00 17.79 -6.97
CA CYS C 130 33.02 18.84 -7.24
C CYS C 130 32.11 19.00 -6.03
N GLY C 131 31.43 17.90 -5.70
CA GLY C 131 30.53 17.91 -4.57
C GLY C 131 31.11 18.58 -3.36
N VAL C 132 32.38 18.29 -3.07
CA VAL C 132 33.06 18.89 -1.93
C VAL C 132 33.27 20.40 -2.10
N ALA C 133 33.63 20.80 -3.31
CA ALA C 133 33.84 22.21 -3.59
C ALA C 133 32.54 22.99 -3.42
N LEU C 134 31.42 22.37 -3.76
CA LEU C 134 30.12 23.03 -3.64
C LEU C 134 29.60 23.01 -2.21
N GLY C 135 30.09 22.06 -1.44
CA GLY C 135 29.65 21.95 -0.07
C GLY C 135 28.49 20.97 -0.02
N ALA C 136 28.30 20.24 -1.10
CA ALA C 136 27.23 19.26 -1.16
C ALA C 136 27.66 18.09 -0.28
N LEU C 137 28.95 17.74 -0.38
CA LEU C 137 29.57 16.67 0.37
C LEU C 137 30.55 17.26 1.37
N ARG C 138 30.78 16.56 2.47
CA ARG C 138 31.74 17.03 3.46
C ARG C 138 33.12 16.75 2.89
N SER C 139 34.11 17.53 3.31
CA SER C 139 35.47 17.33 2.82
C SER C 139 35.96 15.92 3.16
N ASN C 140 35.52 15.38 4.28
CA ASN C 140 35.98 14.06 4.71
C ASN C 140 35.11 12.86 4.28
N TYR C 141 34.08 13.12 3.49
CA TYR C 141 33.00 12.16 3.27
C TYR C 141 33.54 10.76 2.99
N GLU C 142 32.71 9.75 3.29
CA GLU C 142 33.08 8.33 3.24
C GLU C 142 32.39 7.60 2.10
N VAL C 143 33.13 6.77 1.36
CA VAL C 143 32.59 6.00 0.24
C VAL C 143 32.28 4.57 0.65
N LYS C 144 31.09 4.09 0.26
CA LYS C 144 30.65 2.74 0.55
C LYS C 144 30.30 2.08 -0.77
N GLY C 145 30.45 0.76 -0.83
CA GLY C 145 30.07 0.05 -2.04
C GLY C 145 28.63 -0.41 -1.79
N HIS C 146 27.86 -0.58 -2.85
CA HIS C 146 26.47 -1.01 -2.69
C HIS C 146 26.36 -2.32 -1.87
N ARG C 147 27.17 -3.32 -2.20
CA ARG C 147 27.14 -4.59 -1.47
C ARG C 147 27.51 -4.44 0.02
N ASP C 148 28.03 -3.28 0.40
CA ASP C 148 28.42 -3.05 1.78
C ASP C 148 27.30 -2.53 2.68
N VAL C 149 26.15 -2.24 2.11
CA VAL C 149 25.04 -1.72 2.90
C VAL C 149 23.82 -2.56 2.64
N GLN C 150 23.72 -3.09 1.44
CA GLN C 150 22.63 -3.93 1.06
C GLN C 150 23.04 -5.26 0.53
N PRO C 151 22.14 -6.22 0.44
CA PRO C 151 22.54 -7.50 -0.15
C PRO C 151 22.45 -7.41 -1.67
N THR C 152 23.59 -7.27 -2.32
CA THR C 152 23.62 -7.16 -3.76
C THR C 152 25.02 -7.41 -4.29
N LEU C 153 25.09 -7.86 -5.53
CA LEU C 153 26.37 -8.12 -6.19
C LEU C 153 26.98 -6.76 -6.50
N SER C 154 26.10 -5.81 -6.82
CA SER C 154 26.45 -4.44 -7.14
C SER C 154 27.47 -3.91 -6.13
N PRO C 155 28.47 -3.11 -6.57
CA PRO C 155 28.79 -2.61 -7.91
C PRO C 155 29.38 -3.56 -8.97
N GLY C 156 29.92 -4.68 -8.53
CA GLY C 156 30.53 -5.62 -9.48
C GLY C 156 31.84 -5.89 -8.80
N ASP C 157 32.38 -7.10 -8.92
CA ASP C 157 33.64 -7.42 -8.25
C ASP C 157 34.80 -6.52 -8.65
N ARG C 158 35.01 -6.37 -9.96
CA ARG C 158 36.09 -5.55 -10.48
C ARG C 158 36.01 -4.16 -9.87
N LEU C 159 34.89 -3.50 -10.11
CA LEU C 159 34.65 -2.15 -9.62
C LEU C 159 34.67 -2.12 -8.10
N TYR C 160 34.16 -3.16 -7.45
CA TYR C 160 34.18 -3.17 -5.98
C TYR C 160 35.65 -3.20 -5.59
N GLU C 161 36.40 -4.03 -6.29
CA GLU C 161 37.82 -4.18 -6.05
C GLU C 161 38.47 -2.80 -6.06
N ILE C 162 38.19 -2.04 -7.12
CA ILE C 162 38.74 -0.69 -7.28
C ILE C 162 38.37 0.30 -6.18
N ILE C 163 37.08 0.47 -5.90
CA ILE C 163 36.71 1.44 -4.89
C ILE C 163 37.23 1.15 -3.48
N GLN C 164 37.64 -0.09 -3.22
CA GLN C 164 38.19 -0.41 -1.89
C GLN C 164 39.56 0.25 -1.66
N THR C 165 40.20 0.67 -2.75
CA THR C 165 41.50 1.32 -2.67
C THR C 165 41.38 2.84 -2.51
N TRP C 166 40.23 3.39 -2.89
CA TRP C 166 40.04 4.84 -2.80
C TRP C 166 40.31 5.42 -1.43
N SER C 167 40.89 6.63 -1.45
CA SER C 167 41.25 7.35 -0.25
C SER C 167 40.09 7.49 0.72
N HIS C 168 38.94 7.91 0.20
CA HIS C 168 37.77 8.13 1.00
C HIS C 168 36.99 6.91 1.46
N TYR C 169 37.25 5.78 0.83
CA TYR C 169 36.58 4.53 1.19
C TYR C 169 36.69 4.27 2.70
N ARG C 170 35.64 3.66 3.26
CA ARG C 170 35.59 3.34 4.68
C ARG C 170 34.88 2.01 4.90
N ALA C 171 35.57 1.12 5.63
CA ALA C 171 35.11 -0.24 5.94
C ALA C 171 33.66 -0.35 6.37
N GLU D 1 -8.67 -33.34 7.40
CA GLU D 1 -8.76 -32.38 8.56
C GLU D 1 -8.01 -33.00 9.71
N ASP D 2 -6.81 -32.62 9.45
CA ASP D 2 -5.63 -33.00 10.03
C ASP D 2 -5.22 -31.44 10.06
N PRO D 3 -4.94 -30.85 11.27
CA PRO D 3 -4.56 -29.42 11.34
C PRO D 3 -3.29 -28.87 10.64
N PRO D 4 -2.11 -29.47 10.84
CA PRO D 4 -0.92 -28.81 10.26
C PRO D 4 -0.84 -28.78 8.75
N ALA D 5 -1.02 -29.92 8.13
CA ALA D 5 -1.36 -30.06 6.72
C ALA D 5 -0.24 -29.80 5.72
N CYS D 6 1.25 -29.40 6.11
CA CYS D 6 2.28 -28.82 5.26
C CYS D 6 3.71 -28.59 5.76
N GLY D 7 4.59 -28.49 4.79
CA GLY D 7 6.00 -28.20 4.99
C GLY D 7 6.99 -28.94 5.86
N SER D 8 7.98 -29.52 5.17
CA SER D 8 9.10 -30.17 5.84
C SER D 8 10.04 -29.01 5.57
N ILE D 9 10.41 -28.34 6.65
CA ILE D 9 11.24 -27.17 6.62
C ILE D 9 12.42 -27.32 7.57
N VAL D 10 13.63 -27.08 7.11
CA VAL D 10 14.80 -27.19 7.99
C VAL D 10 14.70 -26.04 8.96
N PRO D 11 14.51 -26.33 10.25
CA PRO D 11 14.42 -25.20 11.17
C PRO D 11 15.75 -24.53 11.44
N ARG D 12 15.68 -23.30 11.94
CA ARG D 12 16.86 -22.49 12.26
C ARG D 12 17.95 -23.29 12.94
N ARG D 13 17.60 -23.87 14.09
CA ARG D 13 18.56 -24.65 14.84
C ARG D 13 19.20 -25.71 13.94
N GLU D 14 18.41 -26.43 13.15
CA GLU D 14 19.01 -27.43 12.31
C GLU D 14 20.09 -26.88 11.38
N TRP D 15 19.91 -25.68 10.84
CA TRP D 15 20.98 -25.16 9.98
C TRP D 15 21.90 -24.26 10.78
N ARG D 16 21.78 -24.34 12.10
CA ARG D 16 22.61 -23.57 13.03
C ARG D 16 22.61 -22.07 12.85
N ALA D 17 21.43 -21.49 12.68
CA ALA D 17 21.30 -20.04 12.51
C ALA D 17 21.69 -19.33 13.79
N LEU D 18 22.02 -18.05 13.69
CA LEU D 18 22.36 -17.27 14.87
C LEU D 18 20.99 -16.88 15.37
N ALA D 19 20.89 -16.47 16.63
CA ALA D 19 19.59 -16.09 17.15
C ALA D 19 19.10 -14.82 16.48
N SER D 20 17.83 -14.81 16.09
CA SER D 20 17.23 -13.63 15.45
C SER D 20 17.07 -12.57 16.52
N GLU D 21 16.97 -11.31 16.11
CA GLU D 21 16.79 -10.24 17.08
C GLU D 21 15.55 -9.47 16.65
N CYS D 22 15.03 -9.79 15.47
CA CYS D 22 13.91 -9.04 14.92
C CYS D 22 12.59 -9.19 15.68
N ARG D 23 11.86 -8.09 15.79
CA ARG D 23 10.57 -8.11 16.38
C ARG D 23 9.36 -7.62 15.60
N GLU D 24 9.61 -6.82 14.59
CA GLU D 24 8.52 -6.38 13.73
C GLU D 24 7.86 -7.61 13.11
N ARG D 25 6.53 -7.60 13.17
CA ARG D 25 5.66 -8.65 12.65
C ARG D 25 4.80 -8.37 11.43
N LEU D 26 4.65 -9.37 10.60
CA LEU D 26 3.79 -9.26 9.44
C LEU D 26 2.37 -9.40 9.96
N THR D 27 1.40 -9.27 9.08
CA THR D 27 0.00 -9.38 9.46
C THR D 27 -0.59 -10.44 8.54
N ARG D 28 -1.03 -11.57 9.10
CA ARG D 28 -1.61 -12.57 8.23
C ARG D 28 -3.09 -12.27 8.03
N PRO D 29 -3.65 -12.69 6.90
CA PRO D 29 -2.94 -13.42 5.85
C PRO D 29 -2.21 -12.44 4.94
N VAL D 30 -0.95 -12.75 4.64
CA VAL D 30 -0.11 -11.91 3.78
C VAL D 30 -0.61 -12.12 2.35
N ARG D 31 -0.55 -11.07 1.53
CA ARG D 31 -1.02 -11.10 0.14
C ARG D 31 0.03 -11.26 -0.95
N TYR D 32 1.25 -10.81 -0.68
CA TYR D 32 2.32 -10.86 -1.67
C TYR D 32 3.57 -11.69 -1.40
N VAL D 33 4.04 -12.37 -2.43
CA VAL D 33 5.22 -13.18 -2.33
C VAL D 33 6.24 -12.61 -3.29
N VAL D 34 7.44 -12.32 -2.80
CA VAL D 34 8.47 -11.81 -3.68
C VAL D 34 9.61 -12.82 -3.77
N VAL D 35 9.76 -13.39 -4.97
CA VAL D 35 10.79 -14.38 -5.26
C VAL D 35 12.11 -13.72 -5.62
N SER D 36 13.17 -14.03 -4.90
CA SER D 36 14.49 -13.46 -5.18
C SER D 36 15.50 -14.60 -5.32
N HIS D 37 16.76 -14.23 -5.47
CA HIS D 37 17.83 -15.22 -5.49
C HIS D 37 18.97 -14.57 -4.71
N THR D 38 19.90 -15.38 -4.26
CA THR D 38 21.02 -14.90 -3.48
C THR D 38 22.16 -14.42 -4.38
N ALA D 39 22.08 -14.80 -5.65
CA ALA D 39 23.07 -14.42 -6.66
C ALA D 39 24.49 -14.76 -6.25
N GLY D 40 24.64 -15.68 -5.32
CA GLY D 40 25.92 -16.29 -5.04
C GLY D 40 25.93 -17.71 -5.58
N SER D 41 26.70 -18.60 -4.95
CA SER D 41 26.78 -19.98 -5.42
C SER D 41 25.56 -20.83 -5.04
N HIS D 42 25.40 -21.97 -5.72
CA HIS D 42 24.28 -22.86 -5.41
C HIS D 42 24.80 -23.92 -4.44
N CYS D 43 23.94 -24.85 -4.07
CA CYS D 43 24.29 -25.92 -3.14
C CYS D 43 23.35 -27.06 -3.49
N ASP D 44 23.75 -28.30 -3.28
CA ASP D 44 22.80 -29.44 -3.58
C ASP D 44 22.67 -30.53 -2.56
N THR D 45 23.11 -30.33 -1.33
CA THR D 45 23.14 -31.34 -0.28
C THR D 45 22.75 -30.66 1.02
N PRO D 46 22.14 -31.45 1.89
CA PRO D 46 21.72 -30.92 3.18
C PRO D 46 22.80 -30.15 3.93
N ALA D 47 24.01 -30.69 4.03
CA ALA D 47 25.08 -30.01 4.77
C ALA D 47 25.66 -28.77 4.08
N SER D 48 25.70 -28.79 2.75
CA SER D 48 26.21 -27.64 2.03
C SER D 48 25.14 -26.54 2.04
N CYS D 49 23.91 -26.89 1.67
CA CYS D 49 22.86 -25.89 1.69
C CYS D 49 22.70 -25.33 3.09
N ALA D 50 22.87 -26.16 4.10
CA ALA D 50 22.75 -25.68 5.48
C ALA D 50 23.92 -24.76 5.81
N GLN D 51 25.02 -24.96 5.08
CA GLN D 51 26.22 -24.14 5.27
C GLN D 51 25.95 -22.81 4.56
N GLN D 52 25.40 -22.89 3.36
CA GLN D 52 25.13 -21.69 2.61
C GLN D 52 24.18 -20.73 3.33
N ALA D 53 23.18 -21.27 4.01
CA ALA D 53 22.21 -20.44 4.74
C ALA D 53 22.87 -19.73 5.92
N GLN D 54 23.92 -20.34 6.42
CA GLN D 54 24.66 -19.77 7.53
C GLN D 54 25.46 -18.54 7.06
N ASN D 55 26.04 -18.64 5.86
CA ASN D 55 26.83 -17.56 5.26
C ASN D 55 25.95 -16.35 4.97
N VAL D 56 24.90 -16.62 4.20
CA VAL D 56 23.94 -15.60 3.86
C VAL D 56 23.62 -14.83 5.14
N GLN D 57 23.14 -15.55 6.15
CA GLN D 57 22.81 -14.89 7.39
C GLN D 57 23.98 -14.09 7.93
N SER D 58 25.15 -14.71 8.00
CA SER D 58 26.34 -14.04 8.51
C SER D 58 26.51 -12.69 7.82
N TYR D 59 26.44 -12.69 6.49
CA TYR D 59 26.58 -11.48 5.68
C TYR D 59 25.59 -10.40 6.12
N HIS D 60 24.32 -10.77 6.26
CA HIS D 60 23.28 -9.84 6.67
C HIS D 60 23.37 -9.38 8.13
N VAL D 61 23.81 -10.27 9.02
CA VAL D 61 23.93 -9.93 10.42
C VAL D 61 25.27 -9.31 10.77
N ARG D 62 26.35 -10.01 10.40
CA ARG D 62 27.70 -9.52 10.66
C ARG D 62 27.96 -8.23 9.85
N ASN D 63 28.03 -8.35 8.52
CA ASN D 63 28.31 -7.20 7.66
C ASN D 63 27.27 -6.08 7.67
N LEU D 64 26.04 -6.38 7.24
CA LEU D 64 25.00 -5.37 7.17
C LEU D 64 24.46 -4.89 8.50
N GLY D 65 24.82 -5.58 9.57
CA GLY D 65 24.35 -5.21 10.90
C GLY D 65 22.85 -5.38 11.14
N TRP D 66 22.22 -6.25 10.35
CA TRP D 66 20.78 -6.53 10.46
C TRP D 66 20.40 -7.43 11.61
N CYS D 67 19.12 -7.37 12.01
CA CYS D 67 18.61 -8.18 13.12
C CYS D 67 18.54 -9.69 12.86
N ASP D 68 18.44 -10.08 11.60
CA ASP D 68 18.40 -11.47 11.20
C ASP D 68 18.59 -11.63 9.70
N VAL D 69 18.76 -12.85 9.20
CA VAL D 69 18.91 -13.00 7.76
C VAL D 69 17.65 -12.42 7.12
N GLY D 70 17.82 -11.65 6.06
CA GLY D 70 16.73 -10.89 5.48
C GLY D 70 15.54 -11.57 4.86
N TYR D 71 15.70 -12.82 4.41
CA TYR D 71 14.60 -13.55 3.80
C TYR D 71 13.73 -14.23 4.82
N ASN D 72 12.50 -14.54 4.42
CA ASN D 72 11.59 -15.23 5.30
C ASN D 72 11.88 -16.73 5.12
N PHE D 73 12.27 -17.12 3.91
CA PHE D 73 12.58 -18.52 3.63
C PHE D 73 13.57 -18.63 2.48
N LEU D 74 14.43 -19.64 2.55
CA LEU D 74 15.42 -19.86 1.51
C LEU D 74 15.16 -21.25 0.92
N ILE D 75 15.29 -21.37 -0.40
CA ILE D 75 15.12 -22.65 -1.08
C ILE D 75 16.52 -23.16 -1.41
N GLY D 76 16.74 -24.46 -1.29
CA GLY D 76 18.05 -25.02 -1.59
C GLY D 76 17.92 -25.89 -2.82
N GLU D 77 19.02 -26.20 -3.48
CA GLU D 77 18.94 -27.06 -4.65
C GLU D 77 18.94 -28.52 -4.17
N ASP D 78 19.08 -28.68 -2.85
CA ASP D 78 19.06 -29.99 -2.24
C ASP D 78 17.58 -30.35 -2.13
N GLY D 79 16.74 -29.38 -2.47
CA GLY D 79 15.30 -29.59 -2.44
C GLY D 79 14.59 -29.36 -1.13
N LEU D 80 15.25 -28.74 -0.16
CA LEU D 80 14.63 -28.46 1.12
C LEU D 80 14.48 -26.94 1.26
N VAL D 81 13.59 -26.52 2.13
CA VAL D 81 13.36 -25.10 2.38
C VAL D 81 14.08 -24.80 3.67
N TYR D 82 14.70 -23.64 3.74
CA TYR D 82 15.41 -23.31 4.96
C TYR D 82 14.68 -22.17 5.64
N GLU D 83 14.32 -22.39 6.90
CA GLU D 83 13.59 -21.39 7.67
C GLU D 83 14.36 -20.09 7.86
N GLY D 84 13.81 -19.02 7.30
CA GLY D 84 14.43 -17.71 7.44
C GLY D 84 13.73 -16.98 8.57
N ARG D 85 13.18 -15.82 8.26
CA ARG D 85 12.42 -15.05 9.23
C ARG D 85 11.04 -15.65 9.38
N GLY D 86 10.74 -16.61 8.52
CA GLY D 86 9.46 -17.30 8.56
C GLY D 86 8.20 -16.51 8.19
N TRP D 87 7.07 -17.07 8.60
CA TRP D 87 5.75 -16.51 8.31
C TRP D 87 5.25 -15.28 9.07
N ASN D 88 5.72 -15.05 10.29
CA ASN D 88 5.23 -13.94 11.11
C ASN D 88 6.05 -12.67 11.25
N ILE D 89 7.34 -12.76 10.95
CA ILE D 89 8.24 -11.63 11.08
C ILE D 89 8.51 -10.88 9.76
N LYS D 90 8.54 -9.55 9.83
CA LYS D 90 8.78 -8.74 8.62
C LYS D 90 10.18 -8.95 8.09
N GLY D 91 10.28 -9.25 6.79
CA GLY D 91 11.58 -9.46 6.20
C GLY D 91 12.26 -8.18 5.78
N ALA D 92 13.47 -8.35 5.27
CA ALA D 92 14.28 -7.31 4.72
C ALA D 92 14.83 -7.77 3.39
N HIS D 93 13.95 -7.91 2.44
CA HIS D 93 14.31 -8.39 1.16
C HIS D 93 13.78 -7.65 -0.05
N ALA D 94 12.81 -6.75 0.13
CA ALA D 94 12.18 -6.07 -1.00
C ALA D 94 12.00 -4.57 -0.93
N GLY D 95 12.64 -3.90 0.02
CA GLY D 95 12.42 -2.47 0.16
C GLY D 95 11.30 -2.22 1.15
N PRO D 96 11.26 -1.04 1.77
CA PRO D 96 10.24 -0.65 2.77
C PRO D 96 8.78 -0.62 2.33
N THR D 97 8.53 -0.71 1.03
CA THR D 97 7.14 -0.69 0.58
C THR D 97 6.58 -2.09 0.62
N TRP D 98 7.35 -3.03 0.09
CA TRP D 98 6.97 -4.42 -0.01
C TRP D 98 7.33 -5.34 1.15
N ASN D 99 8.29 -4.94 1.96
CA ASN D 99 8.69 -5.77 3.07
C ASN D 99 7.58 -5.99 4.10
N PRO D 100 6.86 -4.92 4.47
CA PRO D 100 5.79 -5.03 5.45
C PRO D 100 4.56 -5.74 4.96
N ILE D 101 4.51 -6.06 3.68
CA ILE D 101 3.32 -6.69 3.17
C ILE D 101 3.55 -7.93 2.32
N SER D 102 4.71 -8.54 2.46
CA SER D 102 5.01 -9.73 1.68
C SER D 102 5.83 -10.77 2.43
N ILE D 103 6.01 -11.91 1.76
CA ILE D 103 6.82 -13.00 2.27
C ILE D 103 7.92 -13.11 1.22
N GLY D 104 9.18 -12.97 1.65
CA GLY D 104 10.25 -13.05 0.69
C GLY D 104 10.98 -14.37 0.71
N ILE D 105 10.98 -15.05 -0.42
CA ILE D 105 11.69 -16.31 -0.51
C ILE D 105 12.83 -16.21 -1.54
N SER D 106 14.02 -16.56 -1.08
CA SER D 106 15.23 -16.50 -1.89
C SER D 106 15.76 -17.88 -2.30
N PHE D 107 15.88 -18.12 -3.60
CA PHE D 107 16.46 -19.40 -4.05
C PHE D 107 17.94 -19.17 -3.89
N MET D 108 18.62 -20.11 -3.25
CA MET D 108 20.07 -19.96 -3.05
C MET D 108 20.85 -20.29 -4.32
N GLY D 109 21.36 -19.25 -4.97
CA GLY D 109 22.13 -19.44 -6.19
C GLY D 109 22.04 -18.22 -7.10
N ASN D 110 22.29 -18.42 -8.38
CA ASN D 110 22.22 -17.35 -9.37
C ASN D 110 21.62 -17.97 -10.60
N TYR D 111 20.41 -17.58 -10.96
CA TYR D 111 19.71 -18.17 -12.09
C TYR D 111 19.57 -17.33 -13.34
N MET D 112 20.56 -16.47 -13.58
CA MET D 112 20.56 -15.57 -14.74
C MET D 112 20.57 -16.34 -16.06
N ASN D 113 21.28 -17.46 -16.06
CA ASN D 113 21.47 -18.28 -17.24
C ASN D 113 21.22 -19.77 -16.96
N ARG D 114 20.69 -20.03 -15.77
CA ARG D 114 20.63 -21.38 -15.21
C ARG D 114 19.32 -21.58 -14.47
N VAL D 115 18.86 -22.81 -14.36
CA VAL D 115 17.59 -23.04 -13.67
C VAL D 115 17.74 -23.78 -12.38
N PRO D 116 16.77 -23.58 -11.45
CA PRO D 116 16.84 -24.30 -10.18
C PRO D 116 16.39 -25.68 -10.63
N PRO D 117 16.81 -26.75 -9.94
CA PRO D 117 16.35 -28.08 -10.38
C PRO D 117 14.88 -28.27 -10.01
N PRO D 118 14.19 -29.21 -10.68
CA PRO D 118 12.77 -29.45 -10.38
C PRO D 118 12.40 -29.47 -8.90
N ARG D 119 13.26 -30.07 -8.07
CA ARG D 119 12.98 -30.16 -6.64
C ARG D 119 13.17 -28.88 -5.85
N ALA D 120 13.73 -27.86 -6.48
CA ALA D 120 13.90 -26.60 -5.79
C ALA D 120 12.58 -25.89 -6.04
N LEU D 121 12.02 -26.15 -7.22
CA LEU D 121 10.76 -25.55 -7.63
C LEU D 121 9.60 -26.21 -6.90
N ARG D 122 9.70 -27.50 -6.63
CA ARG D 122 8.63 -28.16 -5.90
C ARG D 122 8.72 -27.70 -4.46
N ALA D 123 9.93 -27.60 -3.94
CA ALA D 123 10.10 -27.15 -2.56
C ALA D 123 9.38 -25.82 -2.39
N ALA D 124 9.66 -24.87 -3.28
CA ALA D 124 9.06 -23.53 -3.22
C ALA D 124 7.55 -23.49 -3.43
N GLN D 125 7.05 -24.17 -4.45
CA GLN D 125 5.62 -24.15 -4.68
C GLN D 125 4.88 -24.79 -3.51
N ASN D 126 5.44 -25.87 -2.98
CA ASN D 126 4.88 -26.60 -1.84
C ASN D 126 4.86 -25.70 -0.59
N LEU D 127 5.95 -24.96 -0.40
CA LEU D 127 6.09 -24.05 0.73
C LEU D 127 4.93 -23.07 0.76
N LEU D 128 4.59 -22.57 -0.42
CA LEU D 128 3.50 -21.61 -0.53
C LEU D 128 2.16 -22.28 -0.23
N ALA D 129 1.93 -23.48 -0.73
CA ALA D 129 0.66 -24.15 -0.43
C ALA D 129 0.55 -24.21 1.11
N CYS D 130 1.66 -24.54 1.75
CA CYS D 130 1.76 -24.60 3.22
C CYS D 130 1.24 -23.27 3.76
N GLY D 131 1.81 -22.20 3.22
CA GLY D 131 1.46 -20.86 3.64
C GLY D 131 -0.02 -20.58 3.55
N VAL D 132 -0.63 -21.05 2.47
CA VAL D 132 -2.05 -20.84 2.28
C VAL D 132 -2.82 -21.68 3.31
N ALA D 133 -2.49 -22.96 3.40
CA ALA D 133 -3.16 -23.86 4.32
C ALA D 133 -3.07 -23.39 5.78
N LEU D 134 -2.06 -22.61 6.11
CA LEU D 134 -1.90 -22.13 7.48
C LEU D 134 -2.56 -20.77 7.68
N GLY D 135 -3.06 -20.19 6.60
CA GLY D 135 -3.67 -18.89 6.71
C GLY D 135 -2.60 -17.84 6.90
N ALA D 136 -1.40 -18.15 6.43
CA ALA D 136 -0.28 -17.23 6.52
C ALA D 136 -0.27 -16.39 5.25
N LEU D 137 -0.79 -16.98 4.17
CA LEU D 137 -0.86 -16.31 2.87
C LEU D 137 -2.28 -16.40 2.32
N ARG D 138 -2.77 -15.33 1.74
CA ARG D 138 -4.10 -15.39 1.19
C ARG D 138 -4.19 -16.43 0.13
N SER D 139 -5.38 -16.95 -0.07
CA SER D 139 -5.65 -17.99 -1.04
C SER D 139 -5.32 -17.48 -2.44
N ASN D 140 -5.53 -16.18 -2.64
CA ASN D 140 -5.26 -15.56 -3.93
C ASN D 140 -4.01 -14.67 -3.88
N TYR D 141 -3.00 -15.11 -3.14
CA TYR D 141 -1.76 -14.37 -3.01
C TYR D 141 -1.18 -14.12 -4.39
N GLU D 142 -0.31 -13.13 -4.49
CA GLU D 142 0.32 -12.77 -5.76
C GLU D 142 1.82 -12.90 -5.66
N VAL D 143 2.44 -13.44 -6.70
CA VAL D 143 3.89 -13.60 -6.71
C VAL D 143 4.56 -12.57 -7.61
N LYS D 144 5.53 -11.88 -7.04
CA LYS D 144 6.27 -10.87 -7.77
C LYS D 144 7.70 -11.35 -7.88
N GLY D 145 8.36 -10.92 -8.95
CA GLY D 145 9.75 -11.25 -9.11
C GLY D 145 10.37 -10.08 -8.37
N HIS D 146 11.57 -10.26 -7.84
CA HIS D 146 12.22 -9.19 -7.12
C HIS D 146 12.33 -7.96 -8.04
N ARG D 147 12.84 -8.16 -9.24
CA ARG D 147 13.02 -7.10 -10.21
C ARG D 147 11.75 -6.32 -10.53
N ASP D 148 10.59 -6.89 -10.20
CA ASP D 148 9.32 -6.21 -10.46
C ASP D 148 9.17 -5.06 -9.49
N VAL D 149 9.84 -5.12 -8.34
CA VAL D 149 9.61 -4.18 -7.26
C VAL D 149 10.83 -3.44 -6.74
N GLN D 150 12.02 -3.94 -7.06
CA GLN D 150 13.27 -3.32 -6.67
C GLN D 150 14.08 -3.34 -7.95
N PRO D 151 15.05 -2.44 -8.08
CA PRO D 151 15.88 -2.41 -9.28
C PRO D 151 16.97 -3.45 -8.99
N THR D 152 16.85 -4.59 -9.65
CA THR D 152 17.76 -5.70 -9.46
C THR D 152 17.61 -6.65 -10.64
N LEU D 153 18.56 -7.57 -10.81
CA LEU D 153 18.39 -8.60 -11.82
C LEU D 153 17.73 -9.77 -11.15
N SER D 154 17.76 -9.78 -9.82
CA SER D 154 17.15 -10.83 -9.03
C SER D 154 15.71 -11.01 -9.53
N PRO D 155 15.22 -12.25 -9.65
CA PRO D 155 15.86 -13.56 -9.39
C PRO D 155 16.50 -14.27 -10.60
N GLY D 156 17.12 -13.53 -11.51
CA GLY D 156 17.75 -14.15 -12.68
C GLY D 156 16.79 -14.40 -13.85
N ASP D 157 17.27 -14.19 -15.07
CA ASP D 157 16.46 -14.38 -16.26
C ASP D 157 15.70 -15.72 -16.34
N ARG D 158 16.42 -16.83 -16.26
CA ARG D 158 15.80 -18.15 -16.33
C ARG D 158 14.73 -18.39 -15.25
N LEU D 159 14.98 -17.97 -14.01
CA LEU D 159 13.99 -18.17 -12.95
C LEU D 159 12.82 -17.18 -13.04
N TYR D 160 13.11 -15.92 -13.32
CA TYR D 160 12.05 -14.91 -13.47
C TYR D 160 11.09 -15.45 -14.54
N GLU D 161 11.71 -15.98 -15.59
CA GLU D 161 11.06 -16.58 -16.73
C GLU D 161 10.09 -17.66 -16.24
N ILE D 162 10.59 -18.51 -15.33
CA ILE D 162 9.79 -19.60 -14.78
C ILE D 162 8.60 -19.16 -13.95
N ILE D 163 8.85 -18.32 -12.94
CA ILE D 163 7.76 -17.89 -12.08
C ILE D 163 6.62 -17.16 -12.79
N GLN D 164 6.85 -16.66 -14.00
CA GLN D 164 5.80 -15.94 -14.70
C GLN D 164 4.70 -16.86 -15.19
N THR D 165 5.00 -18.15 -15.27
CA THR D 165 4.01 -19.12 -15.70
C THR D 165 3.07 -19.44 -14.54
N TRP D 166 3.54 -19.22 -13.33
CA TRP D 166 2.79 -19.51 -12.11
C TRP D 166 1.39 -18.91 -11.89
N SER D 167 0.49 -19.79 -11.45
CA SER D 167 -0.90 -19.47 -11.14
C SER D 167 -1.07 -18.16 -10.40
N HIS D 168 -0.08 -17.82 -9.59
CA HIS D 168 -0.15 -16.60 -8.79
C HIS D 168 0.73 -15.43 -9.18
N TYR D 169 1.31 -15.45 -10.38
CA TYR D 169 2.15 -14.33 -10.77
C TYR D 169 1.25 -13.12 -11.13
N ARG D 170 1.64 -11.96 -10.64
CA ARG D 170 1.07 -10.68 -10.99
C ARG D 170 2.19 -9.68 -11.25
N ALA D 171 2.35 -9.23 -12.48
CA ALA D 171 3.43 -8.29 -12.83
C ALA D 171 3.34 -6.89 -12.23
#